data_8Q86
#
_entry.id   8Q86
#
loop_
_entity.id
_entity.type
_entity.pdbx_description
1 polymer 'Helix-turn-helix XRE family protein'
2 water water
#
_entity_poly.entity_id   1
_entity_poly.type   'polypeptide(L)'
_entity_poly.pdbx_seq_one_letter_code
;MIRNRLSELLSERGLKISRVAKDVKIARSSLTSMAQNDSEMIRYDAIDKLCSYLHISPSEFFEHNPINFDFTFDEEPNYK
INDVFEGFEVTANITHAFSIENFDFEILVDVELDNRQKLNFDLDVSYKETEKITNSQHRFIFTIKNEDENIGLKKYVDSL
SAGLKNLLFKKINQKLSGYVSEIIVKNIDDIEELFPNKGEKSTTLHKEILQTDSRLSSDIFKEYLEHHHHHH
;
_entity_poly.pdbx_strand_id   A,B,C,D,E,F,G,H
#
# COMPACT_ATOMS: atom_id res chain seq x y z
N LEU A 15 -17.30 -67.18 40.46
CA LEU A 15 -18.48 -66.28 40.46
C LEU A 15 -18.59 -65.59 41.82
N LYS A 16 -18.45 -64.27 41.86
CA LYS A 16 -18.45 -63.55 43.17
C LYS A 16 -19.56 -62.48 43.17
N SER A 18 -19.16 -58.91 42.58
CA SER A 18 -18.81 -58.03 41.44
C SER A 18 -18.91 -58.83 40.13
N ARG A 19 -18.42 -60.07 40.14
CA ARG A 19 -18.47 -60.94 38.93
C ARG A 19 -19.93 -61.20 38.58
N VAL A 20 -20.77 -61.43 39.60
CA VAL A 20 -22.23 -61.66 39.35
C VAL A 20 -22.96 -60.32 39.50
N LYS A 22 -23.15 -57.94 37.59
CA LYS A 22 -22.79 -57.38 36.27
C LYS A 22 -23.64 -58.05 35.19
N ASP A 23 -23.45 -59.36 35.00
CA ASP A 23 -24.27 -60.12 33.99
C ASP A 23 -25.74 -60.02 34.42
N VAL A 24 -25.99 -59.79 35.71
CA VAL A 24 -27.38 -59.62 36.23
C VAL A 24 -27.87 -58.21 35.88
N LYS A 25 -26.95 -57.32 35.46
CA LYS A 25 -27.31 -55.92 35.14
C LYS A 25 -27.92 -55.24 36.38
N ILE A 26 -27.29 -55.42 37.55
CA ILE A 26 -27.78 -54.78 38.81
C ILE A 26 -26.57 -54.22 39.57
N ALA A 27 -26.57 -52.91 39.88
CA ALA A 27 -25.44 -52.29 40.54
C ALA A 27 -25.05 -53.06 41.81
N LEU A 50 -31.32 -64.42 38.13
CA LEU A 50 -30.56 -65.44 38.90
C LEU A 50 -31.21 -66.81 38.68
N CYS A 51 -32.54 -66.87 38.70
CA CYS A 51 -33.26 -68.16 38.52
C CYS A 51 -32.97 -68.72 37.11
N SER A 52 -32.98 -67.87 36.08
CA SER A 52 -32.64 -68.33 34.71
C SER A 52 -31.15 -68.09 34.42
N TYR A 53 -30.46 -67.38 35.31
CA TYR A 53 -29.03 -67.04 35.09
C TYR A 53 -28.16 -68.21 35.57
N LEU A 54 -28.50 -68.77 36.73
CA LEU A 54 -27.73 -69.91 37.30
C LEU A 54 -28.60 -71.18 37.32
N HIS A 55 -29.75 -71.15 36.66
CA HIS A 55 -30.64 -72.34 36.57
C HIS A 55 -30.91 -72.90 37.96
N ILE A 56 -31.30 -72.03 38.90
CA ILE A 56 -31.64 -72.50 40.28
C ILE A 56 -33.17 -72.51 40.41
N PRO A 58 -38.06 -70.69 42.03
CA PRO A 58 -38.01 -70.26 43.44
C PRO A 58 -36.76 -70.83 44.14
N SER A 59 -36.57 -72.15 44.09
CA SER A 59 -35.39 -72.81 44.71
C SER A 59 -35.04 -72.19 46.07
N GLU A 60 -33.77 -71.82 46.28
CA GLU A 60 -33.33 -71.27 47.59
C GLU A 60 -33.80 -69.83 47.76
N PHE B 62 -43.31 -67.95 41.88
CA PHE B 62 -44.34 -68.62 41.04
C PHE B 62 -43.65 -69.52 40.01
N GLU B 63 -44.18 -69.54 38.78
CA GLU B 63 -43.61 -70.42 37.72
C GLU B 63 -42.31 -69.81 37.19
N HIS B 64 -41.19 -70.54 37.24
CA HIS B 64 -39.91 -70.05 36.68
C HIS B 64 -40.05 -69.99 35.16
N ASN B 65 -39.73 -68.82 34.58
CA ASN B 65 -39.87 -68.66 33.11
C ASN B 65 -38.49 -68.69 32.47
N PRO B 66 -38.21 -69.62 31.53
CA PRO B 66 -36.93 -69.66 30.83
C PRO B 66 -36.95 -68.70 29.64
N ILE B 67 -37.83 -67.70 29.68
CA ILE B 67 -37.89 -66.68 28.59
C ILE B 67 -38.26 -65.31 29.20
N ASN B 68 -37.58 -64.24 28.77
CA ASN B 68 -37.90 -62.87 29.23
C ASN B 68 -38.10 -62.01 27.99
N PHE B 69 -38.97 -60.99 28.04
CA PHE B 69 -39.27 -60.22 26.80
C PHE B 69 -38.72 -58.78 26.91
N ASP B 70 -38.29 -58.21 25.77
CA ASP B 70 -37.75 -56.82 25.74
C ASP B 70 -38.57 -55.99 24.75
N PHE B 71 -39.41 -55.07 25.24
CA PHE B 71 -40.27 -54.24 24.37
C PHE B 71 -39.81 -52.78 24.39
N THR B 72 -39.79 -52.12 23.23
CA THR B 72 -39.42 -50.68 23.18
C THR B 72 -40.18 -50.01 22.03
N PHE B 73 -41.02 -49.01 22.35
CA PHE B 73 -41.77 -48.27 21.31
C PHE B 73 -40.83 -47.26 20.65
N ASP B 74 -41.28 -46.60 19.58
CA ASP B 74 -40.47 -45.56 18.90
C ASP B 74 -40.41 -44.31 19.80
N GLU B 75 -39.45 -43.43 19.54
CA GLU B 75 -39.34 -42.18 20.32
C GLU B 75 -39.98 -41.04 19.53
N GLU B 76 -40.58 -41.37 18.37
CA GLU B 76 -41.15 -40.31 17.50
C GLU B 76 -42.48 -40.80 16.89
N PRO B 77 -43.58 -40.92 17.66
CA PRO B 77 -44.88 -41.28 17.08
C PRO B 77 -45.51 -40.10 16.34
N ASN B 78 -46.41 -40.38 15.40
CA ASN B 78 -47.09 -39.30 14.63
C ASN B 78 -47.89 -38.43 15.61
N LYS B 80 -51.05 -38.21 15.19
CA LYS B 80 -52.16 -37.65 14.37
C LYS B 80 -53.21 -37.07 15.33
N ILE B 81 -53.70 -35.85 15.07
CA ILE B 81 -54.70 -35.18 15.97
C ILE B 81 -55.73 -34.43 15.13
N ASN B 82 -56.92 -34.20 15.66
CA ASN B 82 -57.98 -33.43 14.95
C ASN B 82 -58.86 -32.73 15.99
N ASP B 83 -59.25 -31.47 15.76
CA ASP B 83 -60.04 -30.73 16.78
C ASP B 83 -61.38 -30.32 16.15
N PHE B 103 -52.06 -42.85 14.20
CA PHE B 103 -51.04 -43.07 15.26
C PHE B 103 -50.35 -44.41 15.03
N ASP B 104 -49.33 -44.43 14.18
CA ASP B 104 -48.59 -45.69 13.89
C ASP B 104 -47.19 -45.59 14.50
N PHE B 105 -46.82 -46.57 15.32
CA PHE B 105 -45.50 -46.51 16.02
C PHE B 105 -44.79 -47.87 15.89
N GLU B 106 -43.47 -47.91 16.07
CA GLU B 106 -42.72 -49.18 15.89
C GLU B 106 -42.38 -49.79 17.24
N ILE B 107 -42.85 -51.02 17.51
CA ILE B 107 -42.54 -51.72 18.79
C ILE B 107 -41.29 -52.58 18.58
N LEU B 108 -40.30 -52.46 19.46
CA LEU B 108 -39.04 -53.22 19.33
C LEU B 108 -39.07 -54.41 20.29
N VAL B 109 -39.05 -55.63 19.75
CA VAL B 109 -39.05 -56.85 20.60
C VAL B 109 -38.24 -57.96 19.91
N ASN B 120 -34.77 -61.57 17.68
CA ASN B 120 -35.02 -60.12 17.41
C ASN B 120 -36.21 -59.99 16.44
N PHE B 121 -37.39 -59.66 16.96
CA PHE B 121 -38.54 -59.46 16.08
C PHE B 121 -38.96 -58.00 16.08
N ASP B 122 -39.68 -57.58 15.04
CA ASP B 122 -40.18 -56.18 15.01
C ASP B 122 -41.63 -56.17 14.53
N PHE B 140 -58.39 -45.25 21.78
CA PHE B 140 -58.42 -45.82 20.42
C PHE B 140 -57.61 -47.12 20.40
N ILE B 141 -58.11 -48.15 19.73
CA ILE B 141 -57.42 -49.47 19.72
C ILE B 141 -56.38 -49.48 18.57
N PHE B 142 -55.09 -49.51 18.92
CA PHE B 142 -54.02 -49.58 17.89
C PHE B 142 -53.67 -51.05 17.66
N THR B 143 -53.94 -51.57 16.46
CA THR B 143 -53.66 -52.99 16.14
C THR B 143 -52.19 -53.14 15.70
N ILE B 144 -51.80 -54.32 15.23
CA ILE B 144 -50.41 -54.51 14.72
C ILE B 144 -50.02 -53.34 13.81
N LYS B 155 -45.42 -67.44 19.46
CA LYS B 155 -45.02 -68.79 19.84
C LYS B 155 -44.52 -68.87 21.28
N TYR B 156 -44.09 -67.74 21.85
CA TYR B 156 -43.65 -67.71 23.24
C TYR B 156 -44.73 -67.22 24.19
N SER B 161 -47.19 -70.47 31.64
CA SER B 161 -48.64 -70.76 31.83
C SER B 161 -49.46 -69.50 31.58
N ALA B 162 -50.76 -69.67 31.29
CA ALA B 162 -51.65 -68.51 31.08
C ALA B 162 -51.60 -67.60 32.32
N GLY B 163 -51.13 -68.11 33.46
CA GLY B 163 -50.98 -67.27 34.66
C GLY B 163 -50.03 -66.11 34.42
N LEU B 164 -48.77 -66.42 34.09
CA LEU B 164 -47.75 -65.38 33.80
C LEU B 164 -48.17 -64.64 32.53
N LYS B 165 -48.55 -65.40 31.50
CA LYS B 165 -48.90 -64.74 30.21
C LYS B 165 -49.75 -63.51 30.55
N ASN B 166 -50.67 -63.66 31.51
CA ASN B 166 -51.51 -62.51 31.94
C ASN B 166 -50.61 -61.40 32.48
N LEU B 168 -47.33 -60.47 31.89
CA LEU B 168 -46.57 -59.69 30.86
C LEU B 168 -47.57 -58.91 30.00
N PHE B 169 -48.64 -59.56 29.55
CA PHE B 169 -49.69 -58.87 28.78
C PHE B 169 -50.14 -57.65 29.59
N LYS B 170 -50.28 -57.82 30.90
CA LYS B 170 -50.76 -56.72 31.78
C LYS B 170 -49.81 -55.52 31.64
N LYS B 171 -48.49 -55.78 31.63
CA LYS B 171 -47.51 -54.65 31.58
C LYS B 171 -47.71 -53.84 30.29
N ILE B 172 -47.87 -54.52 29.16
CA ILE B 172 -48.01 -53.81 27.85
C ILE B 172 -49.24 -52.91 27.92
N ASN B 173 -50.29 -53.36 28.59
CA ASN B 173 -51.55 -52.56 28.69
C ASN B 173 -51.21 -51.18 29.27
N GLN B 174 -50.49 -51.14 30.38
CA GLN B 174 -50.16 -49.85 31.03
C GLN B 174 -49.15 -49.08 30.17
N LYS B 175 -48.37 -49.77 29.34
CA LYS B 175 -47.31 -49.10 28.54
C LYS B 175 -47.92 -48.07 27.57
N LEU B 176 -48.93 -48.48 26.79
CA LEU B 176 -49.52 -47.58 25.77
C LEU B 176 -50.16 -46.37 26.46
N SER B 177 -50.86 -46.60 27.58
CA SER B 177 -51.59 -45.50 28.27
C SER B 177 -50.80 -45.03 29.50
N MET C 1 -11.57 -52.24 17.79
CA MET C 1 -10.14 -52.11 17.58
C MET C 1 -9.84 -51.54 16.20
N ILE C 2 -9.65 -50.21 16.12
CA ILE C 2 -9.37 -49.54 14.82
C ILE C 2 -8.19 -48.58 15.03
N ARG C 3 -7.34 -48.42 14.01
CA ARG C 3 -6.15 -47.54 14.15
C ARG C 3 -5.74 -46.93 12.81
N ASN C 4 -5.11 -45.76 12.85
CA ASN C 4 -4.61 -45.12 11.61
C ASN C 4 -3.30 -45.78 11.23
N ARG C 5 -2.84 -45.56 10.00
CA ARG C 5 -1.57 -46.15 9.54
C ARG C 5 -0.69 -45.01 9.04
N LEU C 6 -1.05 -43.76 9.36
CA LEU C 6 -0.29 -42.61 8.82
C LEU C 6 1.16 -42.70 9.31
N SER C 7 1.36 -43.04 10.57
CA SER C 7 2.73 -43.08 11.14
C SER C 7 3.64 -43.95 10.26
N GLU C 8 3.19 -45.16 9.95
CA GLU C 8 4.02 -46.10 9.15
C GLU C 8 4.23 -45.52 7.75
N LEU C 9 3.14 -45.37 6.99
CA LEU C 9 3.23 -44.88 5.62
C LEU C 9 4.22 -43.72 5.52
N LEU C 10 4.16 -42.78 6.46
CA LEU C 10 5.08 -41.65 6.45
C LEU C 10 6.51 -42.11 6.63
N SER C 11 6.74 -43.09 7.51
CA SER C 11 8.09 -43.63 7.68
C SER C 11 8.57 -44.33 6.41
N GLU C 12 7.68 -45.08 5.75
CA GLU C 12 8.08 -45.83 4.56
C GLU C 12 8.43 -44.89 3.41
N ARG C 13 7.58 -43.89 3.16
CA ARG C 13 7.81 -42.99 2.02
C ARG C 13 8.91 -41.97 2.30
N GLY C 14 9.34 -41.83 3.54
CA GLY C 14 10.42 -40.90 3.88
C GLY C 14 9.99 -39.48 4.10
N LEU C 15 8.72 -39.15 3.89
CA LEU C 15 8.24 -37.80 4.11
C LEU C 15 8.23 -37.47 5.61
N LYS C 16 8.43 -36.20 5.95
CA LYS C 16 8.39 -35.79 7.38
C LYS C 16 7.11 -35.02 7.66
N ILE C 17 6.71 -34.93 8.92
CA ILE C 17 5.41 -34.28 9.26
C ILE C 17 5.40 -32.86 8.69
N SER C 18 6.51 -32.13 8.78
CA SER C 18 6.50 -30.71 8.36
C SER C 18 5.95 -30.57 6.94
N ARG C 19 6.55 -31.27 5.97
CA ARG C 19 6.08 -31.09 4.58
C ARG C 19 4.61 -31.50 4.51
N VAL C 20 4.25 -32.63 5.13
CA VAL C 20 2.85 -33.11 4.94
C VAL C 20 1.93 -31.96 5.34
N ALA C 21 2.20 -31.30 6.45
CA ALA C 21 1.26 -30.24 6.91
C ALA C 21 1.19 -29.12 5.88
N LYS C 22 2.34 -28.66 5.39
CA LYS C 22 2.31 -27.50 4.47
C LYS C 22 1.58 -27.88 3.18
N ASP C 23 1.84 -29.08 2.66
CA ASP C 23 1.25 -29.46 1.35
C ASP C 23 -0.26 -29.66 1.46
N VAL C 24 -0.77 -30.16 2.59
CA VAL C 24 -2.22 -30.46 2.68
C VAL C 24 -2.96 -29.36 3.45
N LYS C 25 -2.28 -28.29 3.85
CA LYS C 25 -2.90 -27.12 4.48
C LYS C 25 -3.67 -27.51 5.75
N ILE C 26 -3.07 -28.36 6.57
CA ILE C 26 -3.63 -28.76 7.85
C ILE C 26 -2.66 -28.36 8.95
N ALA C 27 -3.20 -27.91 10.08
CA ALA C 27 -2.37 -27.46 11.19
C ALA C 27 -1.47 -28.59 11.68
N ARG C 28 -0.23 -28.25 12.04
CA ARG C 28 0.75 -29.28 12.46
C ARG C 28 0.22 -30.05 13.67
N SER C 29 -0.31 -29.35 14.67
CA SER C 29 -0.68 -30.03 15.91
C SER C 29 -1.70 -31.13 15.66
N SER C 30 -2.73 -30.84 14.85
CA SER C 30 -3.75 -31.84 14.58
C SER C 30 -3.18 -33.04 13.84
N LEU C 31 -2.31 -32.79 12.85
CA LEU C 31 -1.70 -33.89 12.10
C LEU C 31 -0.80 -34.73 12.99
N THR C 32 -0.05 -34.08 13.89
CA THR C 32 0.78 -34.82 14.82
C THR C 32 -0.06 -35.67 15.77
N SER C 33 -1.17 -35.12 16.26
CA SER C 33 -2.05 -35.87 17.15
C SER C 33 -2.69 -37.06 16.43
N MET C 34 -2.99 -36.92 15.15
CA MET C 34 -3.72 -37.98 14.40
C MET C 34 -2.79 -39.14 14.08
N ALA C 35 -1.49 -38.93 14.16
CA ALA C 35 -0.54 -39.98 13.80
C ALA C 35 -0.13 -40.88 14.96
N GLN C 36 -0.62 -40.61 16.17
CA GLN C 36 -0.26 -41.40 17.34
C GLN C 36 -1.45 -42.15 17.91
N ASN C 37 -2.57 -42.14 17.18
CA ASN C 37 -3.82 -42.83 17.63
C ASN C 37 -4.30 -42.18 18.93
N ASP C 38 -4.30 -40.85 18.98
CA ASP C 38 -4.78 -40.10 20.14
C ASP C 38 -6.16 -39.48 19.93
N SER C 39 -6.38 -38.84 18.79
CA SER C 39 -7.64 -38.16 18.54
C SER C 39 -8.79 -39.16 18.48
N GLU C 40 -9.98 -38.72 18.93
CA GLU C 40 -11.15 -39.62 18.95
C GLU C 40 -11.98 -39.49 17.67
N MET C 41 -11.89 -38.35 16.96
CA MET C 41 -12.73 -38.14 15.75
C MET C 41 -11.85 -37.69 14.57
N ILE C 42 -12.08 -38.24 13.38
CA ILE C 42 -11.25 -37.92 12.18
C ILE C 42 -12.11 -37.19 11.16
N ARG C 43 -11.89 -35.88 10.97
CA ARG C 43 -12.75 -35.09 10.05
C ARG C 43 -12.68 -35.68 8.65
N TYR C 44 -13.82 -35.87 7.99
CA TYR C 44 -13.82 -36.51 6.66
C TYR C 44 -12.81 -35.80 5.77
N ASP C 45 -12.88 -34.46 5.71
CA ASP C 45 -12.01 -33.69 4.79
C ASP C 45 -10.56 -34.17 4.92
N ALA C 46 -10.10 -34.44 6.15
CA ALA C 46 -8.69 -34.82 6.35
C ALA C 46 -8.40 -36.11 5.59
N ILE C 47 -9.32 -37.08 5.64
CA ILE C 47 -9.07 -38.40 4.98
C ILE C 47 -8.91 -38.15 3.47
N ASP C 48 -9.79 -37.35 2.87
CA ASP C 48 -9.74 -37.14 1.40
C ASP C 48 -8.45 -36.41 1.00
N LYS C 49 -8.03 -35.42 1.79
CA LYS C 49 -6.83 -34.63 1.44
C LYS C 49 -5.61 -35.54 1.49
N LEU C 50 -5.51 -36.40 2.51
CA LEU C 50 -4.33 -37.28 2.66
C LEU C 50 -4.35 -38.37 1.60
N CYS C 51 -5.45 -39.13 1.49
CA CYS C 51 -5.51 -40.20 0.52
C CYS C 51 -5.11 -39.73 -0.87
N SER C 52 -5.55 -38.53 -1.26
CA SER C 52 -5.16 -37.99 -2.55
C SER C 52 -3.66 -37.70 -2.60
N TYR C 53 -3.11 -37.14 -1.53
CA TYR C 53 -1.68 -36.73 -1.53
C TYR C 53 -0.77 -37.96 -1.51
N LEU C 54 -1.14 -38.98 -0.74
CA LEU C 54 -0.25 -40.17 -0.60
C LEU C 54 -0.59 -41.20 -1.67
N HIS C 55 -1.55 -40.89 -2.55
CA HIS C 55 -1.94 -41.81 -3.66
C HIS C 55 -2.30 -43.20 -3.13
N ILE C 56 -3.08 -43.26 -2.04
CA ILE C 56 -3.49 -44.57 -1.45
C ILE C 56 -5.00 -44.61 -1.24
N SER C 57 -5.66 -45.74 -1.55
CA SER C 57 -7.07 -45.91 -1.27
C SER C 57 -7.28 -46.03 0.24
N PRO C 58 -8.50 -45.68 0.76
CA PRO C 58 -8.75 -45.68 2.20
C PRO C 58 -8.62 -47.10 2.76
N SER C 59 -8.29 -48.07 1.91
CA SER C 59 -8.06 -49.45 2.42
C SER C 59 -6.83 -49.45 3.32
N GLU C 60 -5.78 -48.73 2.92
CA GLU C 60 -4.51 -48.73 3.69
C GLU C 60 -4.63 -47.87 4.95
N PHE C 61 -5.21 -46.67 4.83
CA PHE C 61 -5.25 -45.73 5.96
C PHE C 61 -5.82 -46.43 7.20
N PHE C 62 -6.94 -47.13 7.07
CA PHE C 62 -7.59 -47.73 8.27
C PHE C 62 -7.29 -49.23 8.35
N GLU C 63 -6.98 -49.73 9.55
CA GLU C 63 -6.75 -51.19 9.76
C GLU C 63 -7.75 -51.69 10.79
N HIS C 64 -8.59 -52.68 10.41
CA HIS C 64 -9.67 -53.11 11.34
C HIS C 64 -9.62 -54.60 11.64
N ASN C 65 -9.92 -54.98 12.89
CA ASN C 65 -9.98 -56.37 13.32
C ASN C 65 -11.27 -56.59 14.10
N PRO C 66 -12.17 -57.54 13.75
CA PRO C 66 -13.46 -57.68 14.44
C PRO C 66 -13.36 -57.94 15.95
N ILE C 67 -12.26 -58.55 16.41
CA ILE C 67 -12.14 -58.89 17.86
C ILE C 67 -12.13 -57.60 18.68
N ASN C 68 -12.83 -57.60 19.83
CA ASN C 68 -12.91 -56.38 20.68
C ASN C 68 -12.55 -56.77 22.12
N PHE C 69 -12.07 -55.80 22.92
CA PHE C 69 -11.73 -56.07 24.34
C PHE C 69 -12.48 -55.10 25.24
N ASP C 70 -13.09 -55.60 26.31
CA ASP C 70 -13.85 -54.74 27.27
C ASP C 70 -13.18 -54.83 28.65
N PHE C 71 -12.94 -53.68 29.30
CA PHE C 71 -12.26 -53.67 30.61
C PHE C 71 -13.17 -53.06 31.68
N THR C 72 -13.23 -53.69 32.86
CA THR C 72 -14.13 -53.20 33.94
C THR C 72 -13.38 -53.12 35.27
N PHE C 73 -13.59 -52.05 36.05
CA PHE C 73 -12.93 -51.89 37.37
C PHE C 73 -13.99 -51.59 38.44
N ASP C 74 -13.65 -51.75 39.71
CA ASP C 74 -14.60 -51.42 40.82
C ASP C 74 -14.13 -50.14 41.52
N GLU C 75 -14.86 -49.70 42.55
CA GLU C 75 -14.45 -48.50 43.32
C GLU C 75 -14.03 -48.97 44.72
N GLU C 76 -13.19 -50.01 44.78
CA GLU C 76 -12.71 -50.55 46.08
C GLU C 76 -11.18 -50.56 46.09
N GLU C 106 -8.81 -55.33 40.47
CA GLU C 106 -9.26 -56.44 39.57
C GLU C 106 -9.48 -55.90 38.16
N ILE C 107 -8.75 -56.42 37.17
CA ILE C 107 -8.94 -56.00 35.76
C ILE C 107 -9.90 -57.01 35.09
N LEU C 108 -11.16 -56.63 34.92
CA LEU C 108 -12.16 -57.59 34.36
C LEU C 108 -12.18 -57.47 32.84
N VAL C 109 -11.24 -58.12 32.16
CA VAL C 109 -11.21 -58.09 30.67
C VAL C 109 -12.30 -59.04 30.15
N ASP C 110 -12.95 -58.70 29.04
CA ASP C 110 -14.04 -59.53 28.48
C ASP C 110 -13.79 -59.76 26.98
N VAL C 111 -12.86 -60.65 26.63
CA VAL C 111 -12.65 -60.97 25.18
C VAL C 111 -14.04 -61.16 24.56
N GLU C 112 -14.35 -60.39 23.52
CA GLU C 112 -15.72 -60.46 22.93
C GLU C 112 -15.58 -60.69 21.42
N LEU C 113 -15.27 -61.93 21.01
CA LEU C 113 -15.12 -62.26 19.57
C LEU C 113 -16.49 -62.16 18.90
N ASP C 114 -16.55 -62.35 17.57
CA ASP C 114 -17.83 -62.21 16.83
C ASP C 114 -18.77 -63.37 17.20
N ASN C 115 -19.96 -63.43 16.59
CA ASN C 115 -20.97 -64.48 16.88
C ASN C 115 -21.47 -64.28 18.31
N ARG C 116 -21.30 -63.07 18.86
CA ARG C 116 -21.72 -62.77 20.26
C ARG C 116 -21.11 -63.80 21.20
N GLN C 117 -19.92 -64.30 20.89
CA GLN C 117 -19.26 -65.33 21.75
C GLN C 117 -18.59 -64.63 22.92
N LYS C 118 -19.35 -63.84 23.68
CA LYS C 118 -18.78 -63.06 24.80
C LYS C 118 -18.08 -64.02 25.77
N LEU C 119 -16.91 -63.64 26.28
CA LEU C 119 -16.18 -64.47 27.25
C LEU C 119 -15.86 -63.63 28.48
N ASN C 120 -15.29 -64.24 29.52
CA ASN C 120 -14.85 -63.45 30.71
C ASN C 120 -13.49 -63.98 31.18
N PHE C 121 -12.59 -63.08 31.58
CA PHE C 121 -11.25 -63.48 32.08
C PHE C 121 -10.92 -62.68 33.34
N LEU C 123 -9.50 -60.56 36.22
CA LEU C 123 -8.27 -61.09 36.86
C LEU C 123 -7.93 -60.23 38.08
N ASP C 124 -6.90 -60.59 38.84
CA ASP C 124 -6.53 -59.85 40.06
C ASP C 124 -5.10 -59.33 39.95
N VAL C 125 -4.89 -58.03 40.18
CA VAL C 125 -3.53 -57.43 40.13
C VAL C 125 -3.28 -56.72 41.47
N SER C 126 -2.06 -56.82 41.99
CA SER C 126 -1.74 -56.16 43.29
C SER C 126 -0.43 -55.38 43.17
N TYR C 127 -0.36 -54.20 43.79
CA TYR C 127 0.90 -53.43 43.82
C TYR C 127 2.06 -54.37 44.15
N LYS C 128 3.17 -54.25 43.44
CA LYS C 128 4.36 -55.08 43.74
C LYS C 128 5.57 -54.22 44.09
N GLU C 129 5.94 -53.28 43.21
CA GLU C 129 7.17 -52.47 43.44
C GLU C 129 7.01 -51.09 42.83
N THR C 130 7.97 -50.19 43.11
CA THR C 130 7.94 -48.82 42.53
C THR C 130 9.31 -48.50 41.92
N SER C 136 12.34 -37.99 36.42
CA SER C 136 11.24 -37.47 35.57
C SER C 136 10.15 -38.54 35.39
N GLN C 137 10.54 -39.81 35.29
CA GLN C 137 9.54 -40.88 35.02
C GLN C 137 9.41 -41.83 36.21
N HIS C 138 8.44 -41.59 37.10
CA HIS C 138 8.20 -42.55 38.20
C HIS C 138 7.19 -43.58 37.69
N ARG C 139 7.47 -44.88 37.88
CA ARG C 139 6.57 -45.90 37.28
C ARG C 139 6.40 -47.08 38.22
N PHE C 140 5.18 -47.31 38.71
CA PHE C 140 4.89 -48.48 39.59
C PHE C 140 4.69 -49.71 38.71
N ILE C 141 5.40 -50.80 39.00
CA ILE C 141 5.32 -51.99 38.11
C ILE C 141 4.34 -53.01 38.69
N PHE C 142 3.04 -52.69 38.71
CA PHE C 142 2.03 -53.69 39.16
C PHE C 142 2.18 -54.93 38.28
N THR C 143 1.92 -56.12 38.82
CA THR C 143 2.14 -57.36 38.04
C THR C 143 0.99 -58.34 38.26
N ILE C 144 0.31 -58.77 37.19
CA ILE C 144 -0.76 -59.79 37.32
C ILE C 144 -0.11 -61.14 37.66
N LYS C 145 -0.69 -61.87 38.63
CA LYS C 145 -0.07 -63.16 39.06
C LYS C 145 -1.14 -64.25 39.11
N ASN C 146 -1.57 -64.76 37.96
CA ASN C 146 -2.56 -65.87 37.92
C ASN C 146 -2.51 -66.56 36.55
N ASP C 148 -2.41 -69.58 35.43
CA ASP C 148 -2.57 -70.82 34.62
C ASP C 148 -3.95 -70.83 33.98
N GLU C 149 -4.70 -69.73 34.10
CA GLU C 149 -6.06 -69.63 33.51
C GLU C 149 -6.06 -68.52 32.44
N ASN C 150 -4.90 -67.96 32.14
CA ASN C 150 -4.81 -66.84 31.16
C ASN C 150 -4.36 -67.39 29.80
N ILE C 151 -4.29 -68.71 29.65
CA ILE C 151 -3.75 -69.31 28.39
C ILE C 151 -4.61 -68.90 27.20
N GLY C 152 -5.93 -68.94 27.32
CA GLY C 152 -6.82 -68.49 26.23
C GLY C 152 -6.66 -67.01 25.94
N LEU C 153 -6.58 -66.18 26.99
CA LEU C 153 -6.43 -64.72 26.82
C LEU C 153 -5.10 -64.42 26.12
N LYS C 154 -4.03 -65.10 26.52
CA LYS C 154 -2.70 -64.87 25.92
C LYS C 154 -2.74 -65.22 24.43
N LYS C 155 -3.43 -66.31 24.08
CA LYS C 155 -3.56 -66.72 22.66
C LYS C 155 -4.31 -65.62 21.90
N TYR C 156 -5.37 -65.06 22.50
CA TYR C 156 -6.17 -64.01 21.85
C TYR C 156 -5.31 -62.76 21.60
N VAL C 157 -4.51 -62.35 22.60
CA VAL C 157 -3.65 -61.14 22.46
C VAL C 157 -2.61 -61.39 21.35
N ASP C 158 -2.06 -62.60 21.30
CA ASP C 158 -1.00 -62.92 20.29
C ASP C 158 -1.56 -62.75 18.87
N SER C 159 -2.85 -63.03 18.67
CA SER C 159 -3.44 -62.96 17.31
C SER C 159 -3.42 -61.52 16.77
N LEU C 160 -3.71 -60.52 17.62
CA LEU C 160 -3.76 -59.10 17.17
C LEU C 160 -2.42 -58.74 16.52
N SER C 161 -2.45 -57.86 15.51
CA SER C 161 -1.20 -57.41 14.84
C SER C 161 -0.40 -56.48 15.77
N ALA C 162 0.77 -56.04 15.33
CA ALA C 162 1.64 -55.21 16.17
C ALA C 162 0.96 -53.90 16.56
N GLY C 163 0.40 -53.18 15.58
CA GLY C 163 -0.13 -51.86 15.86
C GLY C 163 -1.35 -51.90 16.77
N LEU C 164 -2.28 -52.83 16.51
CA LEU C 164 -3.45 -52.95 17.37
C LEU C 164 -3.06 -53.36 18.78
N LYS C 165 -2.07 -54.25 18.91
CA LYS C 165 -1.58 -54.64 20.22
C LYS C 165 -0.99 -53.45 20.96
N ASN C 166 -0.19 -52.65 20.27
CA ASN C 166 0.39 -51.46 20.89
C ASN C 166 -0.71 -50.49 21.32
N LEU C 167 -1.76 -50.38 20.51
CA LEU C 167 -2.91 -49.53 20.89
C LEU C 167 -3.55 -50.14 22.14
N LEU C 168 -3.72 -51.47 22.16
CA LEU C 168 -4.36 -52.14 23.32
C LEU C 168 -3.50 -51.92 24.57
N PHE C 169 -2.18 -52.05 24.43
CA PHE C 169 -1.27 -51.88 25.57
C PHE C 169 -1.37 -50.44 26.08
N LYS C 170 -1.39 -49.47 25.15
CA LYS C 170 -1.51 -48.06 25.56
C LYS C 170 -2.86 -47.85 26.25
N LYS C 171 -3.93 -48.44 25.70
CA LYS C 171 -5.28 -48.23 26.27
C LYS C 171 -5.35 -48.82 27.68
N ILE C 172 -4.88 -50.04 27.89
CA ILE C 172 -5.03 -50.66 29.24
C ILE C 172 -4.29 -49.79 30.26
N ASN C 173 -3.05 -49.40 29.93
CA ASN C 173 -2.25 -48.58 30.87
C ASN C 173 -2.98 -47.25 31.11
N GLN C 174 -3.43 -46.59 30.05
CA GLN C 174 -4.07 -45.26 30.24
C GLN C 174 -5.22 -45.40 31.23
N LYS C 175 -6.06 -46.42 31.06
CA LYS C 175 -7.25 -46.57 31.94
C LYS C 175 -6.79 -46.74 33.38
N LEU C 176 -5.94 -47.73 33.65
CA LEU C 176 -5.51 -48.00 35.05
C LEU C 176 -4.87 -46.73 35.60
N SER C 177 -3.94 -46.12 34.85
CA SER C 177 -3.20 -44.95 35.37
C SER C 177 -4.20 -43.86 35.77
N GLY C 178 -5.20 -43.59 34.94
CA GLY C 178 -6.23 -42.61 35.31
C GLY C 178 -6.84 -42.95 36.65
N TYR C 179 -7.20 -44.22 36.86
CA TYR C 179 -7.88 -44.63 38.11
C TYR C 179 -6.92 -44.57 39.31
N VAL C 180 -5.69 -45.07 39.16
CA VAL C 180 -4.76 -45.15 40.32
C VAL C 180 -4.53 -43.77 40.94
N SER C 181 -4.29 -42.75 40.12
CA SER C 181 -3.96 -41.40 40.68
C SER C 181 -5.06 -40.94 41.63
N GLU C 182 -6.30 -41.38 41.41
CA GLU C 182 -7.43 -40.91 42.26
C GLU C 182 -7.13 -41.21 43.73
N ILE C 183 -6.52 -42.37 44.03
CA ILE C 183 -6.26 -42.76 45.45
C ILE C 183 -5.34 -41.72 46.09
N ILE C 184 -4.27 -41.32 45.41
CA ILE C 184 -3.29 -40.36 45.99
C ILE C 184 -4.00 -39.06 46.37
N VAL C 185 -4.93 -38.59 45.53
CA VAL C 185 -5.71 -37.37 45.89
C VAL C 185 -6.99 -37.80 46.60
N LEU C 205 -0.56 -28.89 44.90
CA LEU C 205 0.25 -27.98 44.05
C LEU C 205 1.12 -28.80 43.11
N HIS C 206 1.15 -28.44 41.82
CA HIS C 206 1.99 -29.18 40.80
C HIS C 206 1.32 -30.51 40.43
N LYS C 207 0.41 -31.02 41.26
CA LYS C 207 -0.31 -32.26 40.92
C LYS C 207 0.67 -33.28 40.35
N GLU C 208 1.71 -33.64 41.11
CA GLU C 208 2.77 -34.54 40.58
C GLU C 208 2.18 -35.91 40.22
N ILE C 209 1.21 -36.40 41.00
CA ILE C 209 0.69 -37.77 40.75
C ILE C 209 0.11 -37.85 39.33
N LEU C 210 -0.59 -36.81 38.88
CA LEU C 210 -1.24 -36.85 37.55
C LEU C 210 -0.18 -37.22 36.51
N GLN C 211 1.01 -36.64 36.60
CA GLN C 211 2.08 -36.89 35.61
C GLN C 211 2.57 -38.34 35.72
N THR C 212 2.41 -38.96 36.89
CA THR C 212 2.91 -40.34 37.11
C THR C 212 1.93 -41.36 36.52
N ASP C 213 2.45 -42.40 35.88
CA ASP C 213 1.57 -43.43 35.25
C ASP C 213 1.82 -44.76 35.94
N SER C 214 1.02 -45.78 35.58
CA SER C 214 1.19 -47.13 36.14
C SER C 214 1.81 -48.03 35.06
N ARG C 215 2.11 -49.28 35.39
CA ARG C 215 2.64 -50.22 34.37
C ARG C 215 2.21 -51.64 34.69
N LEU C 216 2.05 -52.48 33.67
CA LEU C 216 1.67 -53.90 33.89
C LEU C 216 2.72 -54.79 33.22
N SER C 217 2.83 -56.05 33.66
CA SER C 217 3.78 -56.97 33.00
C SER C 217 3.28 -58.42 33.13
N SER C 218 3.43 -59.22 32.06
CA SER C 218 2.96 -60.62 32.07
C SER C 218 3.44 -61.31 30.79
N MET D 1 -13.20 -36.21 -2.53
CA MET D 1 -14.63 -36.61 -2.54
C MET D 1 -14.79 -37.94 -1.80
N ILE D 2 -15.26 -37.89 -0.55
CA ILE D 2 -15.47 -39.13 0.25
C ILE D 2 -16.90 -39.16 0.81
N ARG D 3 -17.56 -40.32 0.74
CA ARG D 3 -18.91 -40.46 1.35
C ARG D 3 -18.87 -41.64 2.33
N ASN D 4 -19.96 -41.88 3.08
CA ASN D 4 -19.92 -42.94 4.13
C ASN D 4 -20.65 -44.21 3.69
N ARG D 5 -21.40 -44.18 2.61
CA ARG D 5 -22.03 -45.41 2.07
C ARG D 5 -22.66 -46.20 3.22
N LEU D 6 -23.40 -45.55 4.11
CA LEU D 6 -24.11 -46.34 5.15
C LEU D 6 -25.48 -46.71 4.63
N SER D 7 -26.27 -45.71 4.19
CA SER D 7 -27.66 -46.01 3.77
C SER D 7 -27.68 -47.19 2.81
N GLU D 8 -26.86 -47.17 1.76
CA GLU D 8 -26.87 -48.26 0.75
C GLU D 8 -26.78 -49.60 1.48
N LEU D 9 -25.75 -49.79 2.29
CA LEU D 9 -25.54 -51.09 2.97
C LEU D 9 -26.79 -51.45 3.77
N LEU D 10 -27.28 -50.52 4.60
CA LEU D 10 -28.45 -50.84 5.47
C LEU D 10 -29.62 -51.32 4.62
N SER D 11 -29.95 -50.62 3.53
CA SER D 11 -31.13 -51.00 2.71
C SER D 11 -30.99 -52.44 2.21
N GLU D 12 -29.84 -52.78 1.62
CA GLU D 12 -29.65 -54.15 1.08
C GLU D 12 -29.71 -55.17 2.22
N ARG D 13 -29.15 -54.83 3.39
CA ARG D 13 -29.24 -55.73 4.57
C ARG D 13 -30.71 -55.94 4.95
N GLY D 14 -31.49 -54.86 5.04
CA GLY D 14 -32.92 -54.97 5.35
C GLY D 14 -33.24 -54.44 6.73
N LEU D 15 -32.30 -53.78 7.38
CA LEU D 15 -32.51 -53.26 8.75
C LEU D 15 -33.11 -51.85 8.67
N LYS D 16 -33.12 -51.13 9.79
CA LYS D 16 -33.67 -49.75 9.82
C LYS D 16 -32.97 -48.96 10.93
N ILE D 17 -32.87 -47.63 10.78
CA ILE D 17 -32.19 -46.79 11.79
C ILE D 17 -32.62 -47.24 13.19
N SER D 18 -33.92 -47.48 13.39
CA SER D 18 -34.42 -47.83 14.75
C SER D 18 -33.66 -49.03 15.31
N ARG D 19 -33.63 -50.15 14.59
CA ARG D 19 -32.97 -51.37 15.11
C ARG D 19 -31.52 -51.04 15.47
N VAL D 20 -30.75 -50.59 14.47
CA VAL D 20 -29.29 -50.35 14.71
C VAL D 20 -29.11 -49.47 15.95
N ALA D 21 -29.94 -48.43 16.12
CA ALA D 21 -29.72 -47.51 17.25
C ALA D 21 -29.44 -48.33 18.52
N LYS D 22 -30.27 -49.32 18.81
CA LYS D 22 -30.11 -50.07 20.09
C LYS D 22 -29.03 -51.14 19.94
N ASP D 23 -29.08 -51.90 18.84
CA ASP D 23 -28.12 -53.01 18.65
C ASP D 23 -26.67 -52.55 18.89
N VAL D 24 -26.34 -51.28 18.60
CA VAL D 24 -24.96 -50.88 18.75
C VAL D 24 -24.79 -49.65 19.64
N LYS D 25 -25.84 -49.32 20.40
CA LYS D 25 -25.75 -48.21 21.39
C LYS D 25 -25.20 -46.96 20.71
N ILE D 26 -25.92 -46.42 19.73
CA ILE D 26 -25.51 -45.15 19.09
C ILE D 26 -26.73 -44.23 19.06
N ALA D 27 -26.59 -42.98 19.52
CA ALA D 27 -27.76 -42.08 19.61
C ALA D 27 -28.54 -42.14 18.28
N ARG D 28 -29.85 -42.40 18.34
CA ARG D 28 -30.70 -42.45 17.13
C ARG D 28 -30.46 -41.17 16.31
N SER D 29 -30.48 -40.02 16.96
CA SER D 29 -30.35 -38.73 16.23
C SER D 29 -29.07 -38.73 15.40
N SER D 30 -27.93 -39.09 16.01
CA SER D 30 -26.64 -39.02 15.28
C SER D 30 -26.63 -40.08 14.17
N LEU D 31 -27.09 -41.30 14.46
CA LEU D 31 -27.03 -42.38 13.44
C LEU D 31 -27.89 -42.00 12.25
N THR D 32 -28.91 -41.15 12.45
CA THR D 32 -29.72 -40.66 11.30
C THR D 32 -28.85 -39.77 10.40
N SER D 33 -28.31 -38.68 10.95
CA SER D 33 -27.53 -37.69 10.15
C SER D 33 -26.35 -38.35 9.43
N MET D 34 -25.62 -39.23 10.13
CA MET D 34 -24.40 -39.86 9.55
C MET D 34 -24.79 -40.75 8.37
N ALA D 35 -26.08 -40.95 8.14
CA ALA D 35 -26.51 -41.81 7.02
C ALA D 35 -26.77 -40.95 5.78
N GLN D 36 -27.01 -39.66 5.96
CA GLN D 36 -27.28 -38.73 4.83
C GLN D 36 -25.98 -38.07 4.37
N ASN D 37 -24.82 -38.62 4.77
CA ASN D 37 -23.51 -38.07 4.32
C ASN D 37 -23.43 -36.58 4.66
N ASP D 38 -24.14 -36.12 5.69
CA ASP D 38 -24.18 -34.65 5.97
C ASP D 38 -23.61 -34.36 7.37
N SER D 39 -22.69 -35.19 7.86
CA SER D 39 -22.03 -34.92 9.16
C SER D 39 -20.53 -34.67 8.93
N GLU D 40 -20.01 -33.55 9.43
CA GLU D 40 -18.58 -33.18 9.16
C GLU D 40 -17.60 -34.18 9.80
N MET D 41 -17.87 -34.67 11.01
CA MET D 41 -16.87 -35.54 11.68
C MET D 41 -17.42 -36.92 12.03
N ILE D 42 -16.63 -37.97 11.79
CA ILE D 42 -17.04 -39.37 12.14
C ILE D 42 -16.06 -39.92 13.17
N ARG D 43 -16.56 -40.49 14.26
CA ARG D 43 -15.67 -40.98 15.35
C ARG D 43 -15.17 -42.39 14.99
N TYR D 44 -14.16 -42.87 15.72
CA TYR D 44 -13.63 -44.23 15.45
C TYR D 44 -14.59 -45.27 16.02
N ASP D 45 -15.11 -45.05 17.22
CA ASP D 45 -15.94 -46.07 17.87
C ASP D 45 -17.11 -46.46 16.97
N ALA D 46 -17.67 -45.46 16.29
CA ALA D 46 -18.77 -45.74 15.35
C ALA D 46 -18.23 -46.66 14.26
N ILE D 47 -17.06 -46.35 13.70
CA ILE D 47 -16.55 -47.17 12.57
C ILE D 47 -16.48 -48.62 13.04
N ASP D 48 -15.78 -48.89 14.14
CA ASP D 48 -15.60 -50.30 14.55
C ASP D 48 -16.95 -50.94 14.84
N LYS D 49 -17.81 -50.25 15.61
CA LYS D 49 -19.10 -50.86 16.00
C LYS D 49 -19.88 -51.22 14.72
N LEU D 50 -20.06 -50.26 13.81
CA LEU D 50 -20.91 -50.54 12.62
C LEU D 50 -20.24 -51.57 11.73
N CYS D 51 -18.91 -51.49 11.58
CA CYS D 51 -18.23 -52.44 10.66
C CYS D 51 -18.43 -53.87 11.19
N SER D 52 -18.38 -54.05 12.50
CA SER D 52 -18.52 -55.41 13.09
C SER D 52 -19.97 -55.88 12.99
N TYR D 53 -20.93 -55.03 13.39
CA TYR D 53 -22.36 -55.43 13.41
C TYR D 53 -22.79 -55.90 12.02
N LEU D 54 -22.27 -55.29 10.97
CA LEU D 54 -22.67 -55.65 9.58
C LEU D 54 -21.61 -56.55 8.95
N HIS D 55 -20.64 -57.02 9.74
CA HIS D 55 -19.63 -57.96 9.22
C HIS D 55 -19.06 -57.40 7.92
N ILE D 56 -18.62 -56.13 7.93
CA ILE D 56 -17.98 -55.50 6.73
C ILE D 56 -16.59 -55.02 7.13
N SER D 57 -15.83 -54.50 6.16
CA SER D 57 -14.46 -53.97 6.45
C SER D 57 -14.42 -52.48 6.10
N PRO D 58 -13.59 -51.64 6.77
CA PRO D 58 -13.61 -50.21 6.51
C PRO D 58 -13.58 -49.91 5.01
N SER D 59 -12.90 -50.74 4.22
CA SER D 59 -12.75 -50.44 2.77
C SER D 59 -14.10 -50.18 2.11
N GLU D 60 -15.16 -50.85 2.56
CA GLU D 60 -16.47 -50.65 1.87
C GLU D 60 -17.36 -49.75 2.71
N PHE D 61 -16.82 -49.11 3.74
CA PHE D 61 -17.63 -48.12 4.50
C PHE D 61 -17.20 -46.73 4.02
N PHE D 62 -16.37 -46.65 2.98
CA PHE D 62 -15.89 -45.34 2.44
C PHE D 62 -15.68 -45.44 0.93
N GLU D 63 -15.99 -44.38 0.18
CA GLU D 63 -15.74 -44.35 -1.29
C GLU D 63 -14.92 -43.11 -1.62
N HIS D 64 -13.76 -43.26 -2.27
CA HIS D 64 -12.88 -42.08 -2.50
C HIS D 64 -12.44 -41.98 -3.95
N ASN D 65 -12.67 -40.84 -4.60
CA ASN D 65 -12.21 -40.61 -5.99
C ASN D 65 -11.24 -39.42 -5.92
N PRO D 66 -10.08 -39.44 -6.63
CA PRO D 66 -9.09 -38.37 -6.51
C PRO D 66 -9.58 -36.96 -6.89
N ILE D 67 -10.44 -36.85 -7.89
CA ILE D 67 -10.87 -35.50 -8.39
C ILE D 67 -11.51 -34.71 -7.25
N ASN D 68 -11.17 -33.41 -7.12
CA ASN D 68 -11.77 -32.53 -6.09
C ASN D 68 -12.26 -31.25 -6.76
N PHE D 69 -13.46 -30.77 -6.38
CA PHE D 69 -14.04 -29.55 -7.02
C PHE D 69 -14.13 -28.44 -5.98
N ASP D 70 -13.64 -27.23 -6.31
CA ASP D 70 -13.69 -26.08 -5.37
C ASP D 70 -14.53 -24.96 -6.00
N PHE D 71 -15.41 -24.31 -5.23
CA PHE D 71 -16.30 -23.27 -5.82
C PHE D 71 -16.13 -21.92 -5.15
N THR D 72 -15.63 -20.91 -5.87
CA THR D 72 -15.47 -19.55 -5.39
C THR D 72 -16.51 -18.66 -6.06
N PHE D 73 -17.29 -17.95 -5.26
CA PHE D 73 -18.38 -17.13 -5.77
C PHE D 73 -17.91 -15.69 -6.01
N ASP D 74 -18.65 -14.99 -6.85
CA ASP D 74 -18.31 -13.62 -7.21
C ASP D 74 -18.47 -12.69 -6.01
N GLU D 75 -17.69 -11.62 -6.02
CA GLU D 75 -17.74 -10.62 -4.96
C GLU D 75 -18.61 -9.42 -5.31
N GLU D 76 -18.79 -9.14 -6.61
CA GLU D 76 -19.57 -7.99 -7.07
C GLU D 76 -20.67 -8.49 -8.01
N PRO D 77 -21.85 -8.80 -7.48
CA PRO D 77 -22.94 -9.28 -8.34
C PRO D 77 -23.82 -8.14 -8.83
N ASN D 78 -24.37 -8.32 -10.04
CA ASN D 78 -25.29 -7.30 -10.62
C ASN D 78 -26.73 -7.67 -10.27
N TYR D 79 -27.36 -6.99 -9.30
CA TYR D 79 -28.71 -7.41 -8.88
C TYR D 79 -29.66 -6.21 -8.70
N LYS D 80 -30.91 -6.36 -9.12
CA LYS D 80 -31.93 -5.30 -8.90
C LYS D 80 -33.12 -5.90 -8.15
N ILE D 81 -33.53 -5.29 -7.04
CA ILE D 81 -34.67 -5.82 -6.23
C ILE D 81 -35.76 -4.76 -6.18
N ASN D 82 -37.01 -5.13 -6.50
CA ASN D 82 -38.11 -4.13 -6.59
C ASN D 82 -39.08 -4.31 -5.42
N ASP D 83 -38.86 -3.58 -4.32
CA ASP D 83 -39.73 -3.77 -3.12
C ASP D 83 -41.19 -3.64 -3.57
N VAL D 84 -41.99 -4.69 -3.37
CA VAL D 84 -43.44 -4.60 -3.70
C VAL D 84 -44.24 -4.58 -2.39
N PHE D 85 -44.88 -3.46 -2.07
CA PHE D 85 -45.61 -3.32 -0.78
C PHE D 85 -46.92 -4.11 -0.84
N GLU D 86 -47.54 -4.18 -2.01
CA GLU D 86 -48.86 -4.85 -2.13
C GLU D 86 -48.75 -6.34 -1.82
N GLY D 87 -49.73 -6.92 -1.12
CA GLY D 87 -49.75 -8.38 -0.93
C GLY D 87 -49.38 -8.84 0.48
N PHE D 88 -48.61 -8.06 1.23
CA PHE D 88 -48.13 -8.54 2.56
C PHE D 88 -48.58 -7.56 3.64
N ALA D 92 -45.52 -14.90 3.72
CA ALA D 92 -46.29 -16.14 3.44
C ALA D 92 -46.31 -16.40 1.94
N ASN D 93 -46.44 -15.34 1.14
CA ASN D 93 -46.40 -15.49 -0.34
C ASN D 93 -44.96 -15.31 -0.83
N ILE D 94 -44.18 -14.40 -0.22
CA ILE D 94 -42.78 -14.10 -0.62
C ILE D 94 -42.79 -13.23 -1.88
N THR D 95 -43.48 -13.70 -2.93
CA THR D 95 -43.61 -12.89 -4.18
C THR D 95 -44.34 -11.59 -3.82
N HIS D 96 -45.19 -11.64 -2.80
CA HIS D 96 -45.92 -10.42 -2.39
C HIS D 96 -44.93 -9.45 -1.73
N ALA D 97 -43.98 -9.98 -0.97
CA ALA D 97 -43.03 -9.12 -0.25
C ALA D 97 -42.02 -8.49 -1.22
N PHE D 98 -41.32 -9.30 -2.02
CA PHE D 98 -40.24 -8.74 -2.89
C PHE D 98 -40.08 -9.55 -4.18
N SER D 99 -39.78 -8.88 -5.29
CA SER D 99 -39.48 -9.60 -6.55
C SER D 99 -38.16 -9.07 -7.13
N ILE D 100 -37.40 -9.88 -7.85
CA ILE D 100 -36.07 -9.43 -8.35
C ILE D 100 -36.11 -9.31 -9.88
N GLU D 101 -35.83 -8.11 -10.40
CA GLU D 101 -35.78 -7.92 -11.88
C GLU D 101 -34.65 -8.72 -12.49
N ASN D 102 -33.46 -8.67 -11.89
CA ASN D 102 -32.28 -9.37 -12.46
C ASN D 102 -31.30 -9.77 -11.34
N PHE D 103 -30.46 -10.77 -11.59
CA PHE D 103 -29.45 -11.22 -10.60
C PHE D 103 -28.42 -12.08 -11.31
N ASP D 104 -27.27 -11.50 -11.66
CA ASP D 104 -26.22 -12.27 -12.39
C ASP D 104 -24.90 -12.20 -11.62
N PHE D 105 -24.28 -13.36 -11.36
CA PHE D 105 -22.95 -13.37 -10.70
C PHE D 105 -22.09 -14.43 -11.39
N GLU D 106 -20.78 -14.44 -11.11
CA GLU D 106 -19.86 -15.38 -11.81
C GLU D 106 -19.43 -16.48 -10.84
N ILE D 107 -19.43 -17.74 -11.29
CA ILE D 107 -18.96 -18.86 -10.42
C ILE D 107 -17.63 -19.36 -10.99
N LEU D 108 -16.57 -19.36 -10.18
CA LEU D 108 -15.24 -19.85 -10.63
C LEU D 108 -15.06 -21.28 -10.12
N VAL D 109 -14.94 -22.24 -11.03
CA VAL D 109 -14.81 -23.67 -10.61
C VAL D 109 -13.41 -24.18 -10.93
N ASP D 110 -12.72 -24.72 -9.93
CA ASP D 110 -11.35 -25.27 -10.16
C ASP D 110 -11.41 -26.80 -10.01
N VAL D 111 -10.91 -27.55 -10.99
CA VAL D 111 -11.00 -29.03 -10.94
C VAL D 111 -9.59 -29.61 -10.87
N GLU D 112 -9.23 -30.22 -9.75
CA GLU D 112 -7.84 -30.76 -9.57
C GLU D 112 -7.84 -32.25 -9.89
N LEU D 113 -7.12 -32.66 -10.92
CA LEU D 113 -7.14 -34.10 -11.34
C LEU D 113 -6.14 -34.88 -10.47
N ASP D 114 -6.01 -36.18 -10.73
CA ASP D 114 -5.09 -37.03 -9.92
C ASP D 114 -3.69 -36.43 -10.07
N ASN D 115 -3.22 -36.28 -11.31
CA ASN D 115 -1.92 -35.62 -11.54
C ASN D 115 -2.05 -34.18 -11.04
N ARG D 116 -0.94 -33.57 -10.61
CA ARG D 116 -0.98 -32.19 -10.04
C ARG D 116 -1.72 -31.23 -10.96
N GLN D 117 -1.82 -31.54 -12.26
CA GLN D 117 -2.46 -30.64 -13.24
C GLN D 117 -3.76 -30.06 -12.66
N LYS D 118 -3.95 -28.74 -12.77
CA LYS D 118 -5.16 -28.09 -12.20
C LYS D 118 -5.94 -27.41 -13.33
N LEU D 119 -6.75 -28.18 -14.06
CA LEU D 119 -7.60 -27.60 -15.13
C LEU D 119 -8.53 -26.54 -14.50
N ASN D 120 -8.84 -25.49 -15.25
CA ASN D 120 -9.71 -24.39 -14.75
C ASN D 120 -10.89 -24.17 -15.68
N PHE D 121 -12.09 -23.93 -15.13
CA PHE D 121 -13.30 -23.67 -15.93
C PHE D 121 -14.04 -22.46 -15.33
N ASP D 122 -14.85 -21.77 -16.12
CA ASP D 122 -15.58 -20.57 -15.62
C ASP D 122 -17.07 -20.71 -15.92
N LEU D 123 -17.94 -20.26 -15.01
CA LEU D 123 -19.41 -20.40 -15.20
C LEU D 123 -20.09 -19.05 -14.96
N ASP D 124 -21.22 -18.81 -15.63
CA ASP D 124 -22.00 -17.55 -15.40
C ASP D 124 -23.45 -17.95 -15.14
N VAL D 125 -24.10 -17.39 -14.12
CA VAL D 125 -25.47 -17.83 -13.75
C VAL D 125 -26.44 -16.64 -13.82
N SER D 126 -27.73 -16.92 -14.03
CA SER D 126 -28.74 -15.85 -14.17
C SER D 126 -30.06 -16.26 -13.52
N TYR D 127 -30.78 -15.30 -12.92
CA TYR D 127 -32.11 -15.60 -12.32
C TYR D 127 -33.08 -15.96 -13.46
N LYS D 128 -33.94 -16.95 -13.22
CA LYS D 128 -34.93 -17.36 -14.25
C LYS D 128 -36.35 -17.05 -13.74
N GLU D 129 -36.79 -17.71 -12.67
CA GLU D 129 -38.19 -17.54 -12.20
C GLU D 129 -38.32 -18.00 -10.75
N THR D 130 -39.52 -17.86 -10.19
CA THR D 130 -39.76 -18.35 -8.81
C THR D 130 -40.80 -19.48 -8.86
N GLU D 131 -40.37 -20.73 -8.70
CA GLU D 131 -41.33 -21.86 -8.66
C GLU D 131 -41.83 -22.01 -7.22
N LYS D 132 -42.83 -22.86 -7.00
CA LYS D 132 -43.41 -23.05 -5.64
C LYS D 132 -43.60 -24.55 -5.38
N ILE D 133 -42.64 -25.17 -4.69
CA ILE D 133 -42.76 -26.62 -4.37
C ILE D 133 -44.01 -26.80 -3.50
N HIS D 138 -41.13 -21.17 -1.20
CA HIS D 138 -40.84 -21.10 -2.65
C HIS D 138 -39.39 -21.52 -2.92
N ARG D 139 -39.00 -21.61 -4.19
CA ARG D 139 -37.62 -22.04 -4.55
C ARG D 139 -37.12 -21.21 -5.74
N PHE D 140 -36.09 -20.40 -5.52
CA PHE D 140 -35.49 -19.63 -6.62
C PHE D 140 -34.79 -20.58 -7.57
N ILE D 141 -34.99 -20.36 -8.88
CA ILE D 141 -34.34 -21.24 -9.90
C ILE D 141 -33.33 -20.40 -10.70
N PHE D 142 -32.08 -20.86 -10.77
CA PHE D 142 -31.02 -20.15 -11.51
C PHE D 142 -30.48 -21.07 -12.62
N THR D 143 -30.21 -20.52 -13.80
CA THR D 143 -29.71 -21.35 -14.92
C THR D 143 -28.40 -20.79 -15.46
N ILE D 144 -27.48 -21.66 -15.86
CA ILE D 144 -26.18 -21.22 -16.45
C ILE D 144 -26.45 -20.67 -17.86
N LYS D 145 -25.60 -19.75 -18.33
CA LYS D 145 -25.80 -19.14 -19.67
C LYS D 145 -25.03 -19.96 -20.72
N ASN D 146 -23.75 -20.22 -20.46
CA ASN D 146 -22.90 -20.93 -21.46
C ASN D 146 -22.67 -22.38 -21.02
N GLU D 147 -23.11 -23.34 -21.84
CA GLU D 147 -22.86 -24.77 -21.54
C GLU D 147 -22.19 -25.42 -22.74
N ASP D 148 -21.80 -24.61 -23.72
CA ASP D 148 -21.09 -25.14 -24.92
C ASP D 148 -19.61 -24.77 -24.80
N GLU D 149 -19.31 -23.54 -24.40
CA GLU D 149 -17.90 -23.12 -24.21
C GLU D 149 -17.33 -23.82 -22.97
N ASN D 150 -18.20 -24.39 -22.13
CA ASN D 150 -17.76 -25.06 -20.89
C ASN D 150 -18.39 -26.45 -20.83
N ILE D 151 -17.92 -27.37 -21.68
CA ILE D 151 -18.47 -28.76 -21.68
C ILE D 151 -17.47 -29.66 -20.96
N GLY D 152 -16.21 -29.24 -20.90
CA GLY D 152 -15.17 -30.03 -20.20
C GLY D 152 -15.56 -30.31 -18.76
N LEU D 153 -16.15 -29.33 -18.07
CA LEU D 153 -16.60 -29.55 -16.66
C LEU D 153 -17.68 -30.65 -16.66
N LYS D 154 -18.58 -30.63 -17.64
CA LYS D 154 -19.69 -31.61 -17.70
C LYS D 154 -19.11 -33.02 -17.80
N LYS D 155 -18.06 -33.19 -18.61
CA LYS D 155 -17.49 -34.55 -18.82
C LYS D 155 -16.97 -35.05 -17.47
N TYR D 156 -16.28 -34.18 -16.72
CA TYR D 156 -15.70 -34.60 -15.41
C TYR D 156 -16.81 -34.98 -14.43
N VAL D 157 -17.90 -34.22 -14.40
CA VAL D 157 -18.99 -34.48 -13.41
C VAL D 157 -19.59 -35.86 -13.69
N ASP D 158 -19.77 -36.22 -14.96
CA ASP D 158 -20.44 -37.51 -15.30
C ASP D 158 -19.55 -38.70 -14.92
N SER D 159 -18.22 -38.53 -14.95
CA SER D 159 -17.32 -39.63 -14.67
C SER D 159 -17.46 -40.16 -13.25
N LEU D 160 -18.12 -39.40 -12.36
CA LEU D 160 -18.27 -39.83 -10.98
C LEU D 160 -19.43 -40.80 -10.85
N SER D 161 -19.53 -41.42 -9.67
CA SER D 161 -20.61 -42.36 -9.38
C SER D 161 -21.87 -41.60 -8.96
N ALA D 162 -22.91 -42.35 -8.61
CA ALA D 162 -24.19 -41.74 -8.26
C ALA D 162 -24.10 -40.99 -6.94
N GLY D 163 -23.55 -41.63 -5.91
CA GLY D 163 -23.49 -41.04 -4.59
C GLY D 163 -22.64 -39.79 -4.53
N LEU D 164 -21.46 -39.83 -5.15
CA LEU D 164 -20.59 -38.66 -5.16
C LEU D 164 -21.24 -37.50 -5.91
N LYS D 165 -21.90 -37.80 -7.02
CA LYS D 165 -22.60 -36.75 -7.76
C LYS D 165 -23.73 -36.16 -6.93
N ASN D 166 -24.47 -37.00 -6.21
CA ASN D 166 -25.53 -36.49 -5.34
C ASN D 166 -24.97 -35.60 -4.24
N LEU D 167 -23.85 -36.01 -3.63
CA LEU D 167 -23.23 -35.20 -2.59
C LEU D 167 -22.76 -33.86 -3.14
N LEU D 168 -22.14 -33.90 -4.33
CA LEU D 168 -21.65 -32.65 -4.96
C LEU D 168 -22.85 -31.73 -5.20
N PHE D 169 -23.94 -32.29 -5.73
CA PHE D 169 -25.13 -31.46 -6.05
C PHE D 169 -25.70 -30.86 -4.76
N LYS D 170 -25.75 -31.66 -3.69
CA LYS D 170 -26.27 -31.16 -2.39
C LYS D 170 -25.38 -30.00 -1.93
N LYS D 171 -24.06 -30.16 -2.01
CA LYS D 171 -23.14 -29.13 -1.55
C LYS D 171 -23.30 -27.83 -2.35
N ILE D 172 -23.25 -27.94 -3.68
CA ILE D 172 -23.28 -26.70 -4.52
C ILE D 172 -24.63 -25.99 -4.34
N ASN D 173 -25.72 -26.74 -4.28
CA ASN D 173 -27.06 -26.12 -4.15
C ASN D 173 -27.13 -25.38 -2.81
N GLN D 174 -26.60 -25.97 -1.74
CA GLN D 174 -26.60 -25.30 -0.41
C GLN D 174 -25.76 -24.02 -0.48
N LYS D 175 -24.59 -24.10 -1.12
CA LYS D 175 -23.70 -22.91 -1.23
C LYS D 175 -24.39 -21.82 -2.04
N LEU D 176 -25.06 -22.19 -3.13
CA LEU D 176 -25.80 -21.20 -3.98
C LEU D 176 -26.91 -20.58 -3.12
N SER D 177 -27.60 -21.42 -2.34
CA SER D 177 -28.70 -20.93 -1.47
C SER D 177 -28.12 -19.93 -0.47
N GLY D 178 -26.89 -20.18 0.00
CA GLY D 178 -26.28 -19.29 1.00
C GLY D 178 -25.98 -17.94 0.39
N TYR D 179 -25.39 -17.90 -0.80
CA TYR D 179 -25.03 -16.58 -1.34
C TYR D 179 -26.32 -15.81 -1.62
N VAL D 180 -27.29 -16.44 -2.26
CA VAL D 180 -28.53 -15.70 -2.64
C VAL D 180 -29.30 -15.25 -1.40
N SER D 181 -29.47 -16.15 -0.43
CA SER D 181 -30.30 -15.76 0.75
C SER D 181 -29.59 -14.65 1.51
N GLU D 182 -28.28 -14.77 1.69
CA GLU D 182 -27.53 -13.76 2.49
C GLU D 182 -27.57 -12.44 1.73
N ILE D 183 -27.33 -12.48 0.41
CA ILE D 183 -27.26 -11.18 -0.29
C ILE D 183 -28.66 -10.56 -0.29
N ILE D 184 -29.70 -11.39 -0.40
CA ILE D 184 -31.04 -10.80 -0.51
C ILE D 184 -31.44 -10.16 0.82
N VAL D 185 -31.10 -10.79 1.94
CA VAL D 185 -31.57 -10.33 3.24
C VAL D 185 -31.04 -8.93 3.56
N LYS D 186 -29.94 -8.54 2.92
CA LYS D 186 -29.32 -7.27 3.28
C LYS D 186 -30.10 -6.07 2.73
N ASN D 187 -30.68 -6.21 1.55
CA ASN D 187 -31.34 -5.04 0.89
C ASN D 187 -32.88 -5.17 0.95
N ILE D 188 -33.41 -5.94 1.90
CA ILE D 188 -34.89 -6.05 2.06
C ILE D 188 -35.27 -5.58 3.47
N ASP D 189 -36.28 -4.71 3.57
CA ASP D 189 -36.74 -4.23 4.91
C ASP D 189 -37.55 -5.34 5.57
N ASP D 190 -37.24 -5.65 6.84
CA ASP D 190 -37.96 -6.73 7.57
C ASP D 190 -39.38 -6.26 7.92
N ILE D 191 -40.36 -7.15 7.76
CA ILE D 191 -41.77 -6.82 8.12
C ILE D 191 -42.22 -7.84 9.17
N GLU D 192 -42.88 -7.38 10.23
CA GLU D 192 -43.31 -8.29 11.33
C GLU D 192 -44.42 -9.23 10.80
N GLU D 193 -44.55 -10.41 11.41
CA GLU D 193 -45.59 -11.38 10.97
C GLU D 193 -46.94 -10.66 10.99
N THR D 203 -43.00 -15.39 12.43
CA THR D 203 -42.37 -15.62 11.10
C THR D 203 -42.17 -14.27 10.39
N THR D 204 -41.07 -13.57 10.70
CA THR D 204 -40.77 -12.27 10.05
C THR D 204 -40.30 -12.50 8.62
N LEU D 205 -40.28 -11.45 7.80
CA LEU D 205 -39.84 -11.61 6.39
C LEU D 205 -38.42 -12.17 6.34
N HIS D 206 -37.52 -11.65 7.19
CA HIS D 206 -36.11 -12.09 7.18
C HIS D 206 -36.03 -13.59 7.48
N LYS D 207 -36.83 -14.07 8.44
CA LYS D 207 -36.82 -15.52 8.80
C LYS D 207 -37.28 -16.36 7.61
N GLU D 208 -38.29 -15.87 6.88
CA GLU D 208 -38.81 -16.61 5.69
C GLU D 208 -37.69 -16.71 4.64
N ILE D 209 -36.94 -15.63 4.43
CA ILE D 209 -35.85 -15.63 3.40
C ILE D 209 -34.81 -16.68 3.79
N LEU D 210 -34.49 -16.78 5.09
CA LEU D 210 -33.45 -17.74 5.55
C LEU D 210 -33.88 -19.17 5.19
N GLN D 211 -35.14 -19.54 5.49
CA GLN D 211 -35.57 -20.92 5.23
C GLN D 211 -35.60 -21.21 3.74
N THR D 212 -35.77 -20.19 2.91
CA THR D 212 -35.88 -20.40 1.43
C THR D 212 -34.57 -21.00 0.88
N ASP D 213 -34.65 -21.78 -0.19
CA ASP D 213 -33.42 -22.34 -0.82
C ASP D 213 -33.43 -22.02 -2.32
N SER D 214 -32.30 -22.23 -2.99
CA SER D 214 -32.22 -21.99 -4.46
C SER D 214 -31.63 -23.20 -5.15
N ARG D 215 -32.06 -23.49 -6.39
CA ARG D 215 -31.60 -24.71 -7.10
C ARG D 215 -30.99 -24.32 -8.45
N LEU D 216 -29.87 -24.92 -8.82
CA LEU D 216 -29.25 -24.64 -10.14
C LEU D 216 -29.61 -25.79 -11.07
N SER D 217 -30.27 -25.49 -12.20
CA SER D 217 -30.68 -26.54 -13.15
C SER D 217 -29.89 -26.40 -14.46
N SER D 218 -29.14 -27.42 -14.84
CA SER D 218 -28.34 -27.39 -16.09
C SER D 218 -27.98 -28.81 -16.53
N ASP D 219 -27.53 -28.96 -17.78
CA ASP D 219 -27.07 -30.30 -18.24
C ASP D 219 -25.79 -30.67 -17.48
N ILE D 220 -24.96 -29.67 -17.16
CA ILE D 220 -23.66 -29.95 -16.48
C ILE D 220 -23.91 -30.60 -15.11
N PHE D 221 -24.98 -30.19 -14.41
CA PHE D 221 -25.34 -30.84 -13.13
C PHE D 221 -26.80 -31.27 -13.23
N LYS D 222 -27.08 -32.29 -14.05
CA LYS D 222 -28.48 -32.74 -14.28
C LYS D 222 -29.12 -33.16 -12.95
N GLU D 223 -28.43 -34.02 -12.19
CA GLU D 223 -28.95 -34.48 -10.88
C GLU D 223 -28.02 -33.94 -9.78
N MET E 1 11.69 -13.35 -9.42
CA MET E 1 12.73 -12.41 -8.94
C MET E 1 12.78 -11.20 -9.86
N ILE E 2 12.81 -9.98 -9.32
CA ILE E 2 12.97 -8.76 -10.17
C ILE E 2 13.84 -7.76 -9.41
N ARG E 3 14.64 -6.95 -10.12
CA ARG E 3 15.56 -6.00 -9.43
C ARG E 3 15.69 -4.71 -10.26
N ASN E 4 16.13 -3.60 -9.64
CA ASN E 4 16.27 -2.30 -10.35
C ASN E 4 17.74 -2.08 -10.68
N ARG E 5 18.11 -2.22 -11.96
CA ARG E 5 19.52 -2.16 -12.33
C ARG E 5 19.76 -0.66 -12.46
N LEU E 6 19.83 0.04 -11.34
CA LEU E 6 20.00 1.49 -11.38
C LEU E 6 21.46 1.62 -10.99
N SER E 7 21.91 0.82 -10.02
CA SER E 7 23.27 0.96 -9.51
C SER E 7 24.31 0.66 -10.59
N GLU E 8 24.09 -0.42 -11.34
CA GLU E 8 25.05 -0.78 -12.38
C GLU E 8 25.10 0.27 -13.48
N LEU E 9 23.94 0.80 -13.88
CA LEU E 9 23.91 1.84 -14.91
C LEU E 9 24.62 3.10 -14.43
N LEU E 10 24.37 3.51 -13.18
CA LEU E 10 25.03 4.70 -12.66
C LEU E 10 26.53 4.50 -12.58
N SER E 11 26.98 3.31 -12.16
CA SER E 11 28.41 3.05 -12.10
C SER E 11 29.04 3.07 -13.50
N GLU E 12 28.34 2.50 -14.48
CA GLU E 12 28.91 2.42 -15.83
C GLU E 12 28.99 3.80 -16.47
N ARG E 13 27.92 4.59 -16.38
CA ARG E 13 27.90 5.88 -17.05
C ARG E 13 28.77 6.93 -16.36
N GLY E 14 29.24 6.67 -15.15
CA GLY E 14 30.14 7.56 -14.46
C GLY E 14 29.48 8.64 -13.62
N LEU E 15 28.16 8.79 -13.71
CA LEU E 15 27.48 9.79 -12.90
C LEU E 15 27.46 9.39 -11.44
N LYS E 16 27.28 10.38 -10.57
CA LYS E 16 27.19 10.17 -9.14
C LYS E 16 25.77 10.39 -8.65
N ILE E 17 25.50 9.95 -7.43
CA ILE E 17 24.14 9.97 -6.89
C ILE E 17 23.63 11.39 -6.77
N SER E 18 24.49 12.29 -6.30
CA SER E 18 24.08 13.71 -6.08
C SER E 18 23.64 14.36 -7.40
N ARG E 19 24.44 14.18 -8.45
CA ARG E 19 24.13 14.89 -9.72
C ARG E 19 22.76 14.43 -10.24
N VAL E 20 22.49 13.12 -10.16
CA VAL E 20 21.19 12.58 -10.67
C VAL E 20 20.08 13.10 -9.75
N ALA E 21 20.25 12.98 -8.44
CA ALA E 21 19.20 13.39 -7.51
C ALA E 21 18.79 14.83 -7.75
N LYS E 22 19.75 15.71 -8.03
CA LYS E 22 19.42 17.11 -8.27
C LYS E 22 18.76 17.31 -9.63
N ASP E 23 19.22 16.60 -10.67
CA ASP E 23 18.71 16.86 -12.03
C ASP E 23 17.29 16.30 -12.25
N VAL E 24 17.04 15.03 -11.89
CA VAL E 24 15.71 14.42 -12.17
C VAL E 24 14.69 14.88 -11.13
N LYS E 25 15.13 15.62 -10.11
CA LYS E 25 14.19 16.22 -9.11
C LYS E 25 13.60 15.16 -8.17
N ILE E 26 14.16 13.96 -8.12
CA ILE E 26 13.71 12.95 -7.12
C ILE E 26 14.55 13.16 -5.86
N ALA E 27 13.99 12.97 -4.67
CA ALA E 27 14.74 13.25 -3.43
C ALA E 27 15.93 12.30 -3.28
N ARG E 28 17.05 12.77 -2.73
CA ARG E 28 18.26 11.92 -2.59
C ARG E 28 17.92 10.67 -1.80
N SER E 29 17.36 10.83 -0.60
CA SER E 29 17.09 9.66 0.25
C SER E 29 16.40 8.58 -0.59
N SER E 30 15.29 8.92 -1.24
CA SER E 30 14.53 7.96 -2.03
C SER E 30 15.37 7.39 -3.16
N LEU E 31 16.16 8.22 -3.83
CA LEU E 31 16.99 7.75 -4.93
C LEU E 31 18.06 6.78 -4.44
N THR E 32 18.69 7.07 -3.30
CA THR E 32 19.72 6.18 -2.78
C THR E 32 19.11 4.91 -2.22
N SER E 33 17.85 4.95 -1.78
CA SER E 33 17.15 3.71 -1.43
C SER E 33 16.88 2.88 -2.67
N MET E 34 16.44 3.52 -3.75
CA MET E 34 16.19 2.81 -5.00
C MET E 34 17.49 2.32 -5.64
N ALA E 35 18.64 2.89 -5.27
CA ALA E 35 19.91 2.37 -5.75
C ALA E 35 20.11 0.94 -5.29
N GLN E 36 19.80 0.66 -4.03
CA GLN E 36 19.70 -0.71 -3.55
C GLN E 36 18.31 -1.23 -3.87
N ASN E 37 17.93 -2.38 -3.31
CA ASN E 37 16.61 -2.94 -3.53
C ASN E 37 15.78 -3.00 -2.25
N ASP E 38 16.07 -2.13 -1.29
CA ASP E 38 15.30 -2.10 -0.05
C ASP E 38 13.88 -1.61 -0.31
N SER E 39 13.72 -0.70 -1.26
CA SER E 39 12.40 -0.12 -1.54
C SER E 39 11.43 -1.19 -2.01
N GLU E 40 10.17 -1.06 -1.60
CA GLU E 40 9.13 -2.02 -1.96
C GLU E 40 8.30 -1.54 -3.14
N MET E 41 7.87 -0.28 -3.12
CA MET E 41 7.03 0.28 -4.16
C MET E 41 7.73 1.47 -4.80
N ILE E 42 7.64 1.57 -6.13
CA ILE E 42 8.26 2.65 -6.87
C ILE E 42 7.18 3.36 -7.69
N ARG E 43 7.43 4.63 -7.97
CA ARG E 43 6.45 5.49 -8.62
C ARG E 43 6.67 5.50 -10.13
N TYR E 44 5.58 5.72 -10.88
CA TYR E 44 5.68 5.78 -12.33
C TYR E 44 6.51 6.98 -12.77
N ASP E 45 6.37 8.12 -12.08
CA ASP E 45 7.11 9.32 -12.44
C ASP E 45 8.61 9.10 -12.32
N ALA E 46 9.03 8.36 -11.29
CA ALA E 46 10.46 8.08 -11.12
C ALA E 46 10.98 7.25 -12.29
N ILE E 47 10.22 6.24 -12.71
CA ILE E 47 10.63 5.43 -13.85
C ILE E 47 10.73 6.29 -15.10
N ASP E 48 9.73 7.14 -15.34
CA ASP E 48 9.73 7.98 -16.53
C ASP E 48 10.94 8.91 -16.55
N LYS E 49 11.18 9.59 -15.44
CA LYS E 49 12.29 10.55 -15.38
C LYS E 49 13.64 9.85 -15.53
N LEU E 50 13.82 8.71 -14.85
CA LEU E 50 15.11 8.02 -14.91
C LEU E 50 15.33 7.40 -16.28
N CYS E 51 14.27 7.00 -16.97
CA CYS E 51 14.44 6.44 -18.32
C CYS E 51 14.69 7.54 -19.33
N SER E 52 14.06 8.71 -19.16
CA SER E 52 14.28 9.81 -20.09
C SER E 52 15.68 10.39 -19.92
N TYR E 53 16.14 10.54 -18.68
CA TYR E 53 17.42 11.19 -18.43
C TYR E 53 18.59 10.33 -18.91
N LEU E 54 18.49 9.01 -18.76
CA LEU E 54 19.58 8.11 -19.10
C LEU E 54 19.48 7.55 -20.52
N HIS E 55 18.46 7.93 -21.28
CA HIS E 55 18.27 7.48 -22.66
C HIS E 55 18.21 5.95 -22.73
N ILE E 56 17.29 5.38 -21.96
CA ILE E 56 17.11 3.93 -21.89
C ILE E 56 15.62 3.62 -21.89
N SER E 57 15.26 2.55 -22.59
CA SER E 57 13.91 2.02 -22.53
C SER E 57 13.72 1.21 -21.25
N PRO E 58 12.48 1.03 -20.80
CA PRO E 58 12.26 0.27 -19.56
C PRO E 58 12.74 -1.17 -19.62
N SER E 59 13.05 -1.69 -20.80
CA SER E 59 13.55 -3.05 -20.90
C SER E 59 14.87 -3.21 -20.16
N GLU E 60 15.76 -2.22 -20.28
CA GLU E 60 17.05 -2.29 -19.60
C GLU E 60 16.97 -1.89 -18.14
N PHE E 61 15.89 -1.24 -17.72
CA PHE E 61 15.77 -0.83 -16.33
C PHE E 61 15.41 -1.99 -15.41
N PHE E 62 14.72 -3.00 -15.92
CA PHE E 62 14.30 -4.15 -15.13
C PHE E 62 14.94 -5.42 -15.68
N GLU E 63 15.27 -6.36 -14.79
CA GLU E 63 15.78 -7.68 -15.21
C GLU E 63 14.91 -8.74 -14.53
N HIS E 64 14.27 -9.64 -15.28
CA HIS E 64 13.31 -10.59 -14.65
C HIS E 64 13.66 -12.03 -14.97
N ASN E 65 13.65 -12.90 -13.96
CA ASN E 65 13.88 -14.35 -14.19
C ASN E 65 12.62 -15.06 -13.68
N PRO E 66 11.98 -15.95 -14.46
CA PRO E 66 10.70 -16.57 -14.08
C PRO E 66 10.76 -17.40 -12.80
N ILE E 67 11.95 -17.86 -12.42
CA ILE E 67 12.04 -18.75 -11.22
C ILE E 67 11.61 -17.92 -9.99
N ASN E 68 11.13 -18.59 -8.95
CA ASN E 68 10.68 -17.91 -7.71
C ASN E 68 10.86 -18.82 -6.49
N PHE E 69 11.72 -18.43 -5.55
CA PHE E 69 11.99 -19.27 -4.34
C PHE E 69 11.08 -18.83 -3.20
N ASP E 70 10.59 -19.77 -2.39
CA ASP E 70 9.75 -19.43 -1.21
C ASP E 70 10.43 -19.95 0.06
N PHE E 71 10.37 -19.21 1.17
CA PHE E 71 11.06 -19.61 2.38
C PHE E 71 10.08 -19.60 3.54
N THR E 72 9.96 -20.74 4.23
CA THR E 72 9.16 -20.86 5.44
C THR E 72 9.97 -21.55 6.52
N PHE E 73 9.92 -20.99 7.73
CA PHE E 73 10.80 -21.54 8.80
C PHE E 73 10.01 -22.45 9.72
N ASP E 74 10.69 -23.37 10.41
CA ASP E 74 10.03 -24.33 11.32
C ASP E 74 9.34 -23.58 12.45
N GLU E 75 8.13 -23.99 12.80
CA GLU E 75 7.35 -23.30 13.86
C GLU E 75 7.92 -23.67 15.24
N GLU E 76 8.29 -24.92 15.46
CA GLU E 76 8.73 -25.35 16.82
C GLU E 76 10.19 -25.77 16.82
N PRO E 77 11.14 -24.88 17.16
CA PRO E 77 12.56 -25.21 17.11
C PRO E 77 13.16 -25.70 18.43
N ASN E 78 14.43 -26.13 18.40
CA ASN E 78 15.15 -26.56 19.60
C ASN E 78 16.26 -25.56 19.88
N TYR E 79 16.19 -24.93 21.05
CA TYR E 79 17.19 -23.93 21.44
C TYR E 79 17.59 -24.13 22.88
N LYS E 80 18.88 -23.97 23.15
CA LYS E 80 19.43 -24.08 24.49
C LYS E 80 20.19 -22.80 24.81
N ILE E 81 19.74 -22.07 25.82
CA ILE E 81 20.30 -20.78 26.18
C ILE E 81 20.81 -20.83 27.62
N ASN E 82 22.05 -20.42 27.83
CA ASN E 82 22.67 -20.36 29.15
C ASN E 82 22.88 -18.91 29.54
N ASP E 83 22.39 -18.50 30.71
CA ASP E 83 22.64 -17.12 31.18
C ASP E 83 24.08 -17.03 31.68
N VAL E 84 24.84 -16.01 31.22
CA VAL E 84 26.26 -15.82 31.64
C VAL E 84 26.33 -14.53 32.45
N PHE E 85 27.09 -14.53 33.55
CA PHE E 85 27.10 -13.35 34.46
C PHE E 85 28.43 -12.60 34.39
N GLU E 86 29.11 -12.62 33.23
CA GLU E 86 30.46 -12.00 33.18
C GLU E 86 30.38 -10.49 33.01
N GLY E 87 29.78 -9.76 33.96
CA GLY E 87 29.84 -8.29 33.96
C GLY E 87 29.49 -7.61 32.64
N PHE E 88 28.34 -7.95 32.05
CA PHE E 88 27.93 -7.24 30.81
C PHE E 88 27.73 -5.75 31.12
N GLU E 89 27.16 -5.41 32.27
CA GLU E 89 26.84 -3.99 32.58
C GLU E 89 28.02 -3.07 32.27
N VAL E 90 29.27 -3.48 32.55
CA VAL E 90 30.41 -2.58 32.39
C VAL E 90 30.67 -2.29 30.91
N THR E 91 30.63 -3.32 30.07
CA THR E 91 30.85 -3.14 28.64
C THR E 91 29.79 -3.93 27.86
N ALA E 92 29.16 -3.26 26.91
CA ALA E 92 28.08 -3.87 26.12
C ALA E 92 28.70 -4.83 25.12
N ASN E 93 28.81 -6.09 25.52
CA ASN E 93 29.35 -7.15 24.68
C ASN E 93 28.35 -8.29 24.59
N ILE E 94 28.20 -8.84 23.39
CA ILE E 94 27.21 -9.90 23.17
C ILE E 94 27.59 -11.17 23.94
N THR E 95 28.85 -11.59 23.78
CA THR E 95 29.27 -12.88 24.41
C THR E 95 29.08 -12.82 25.92
N HIS E 96 29.32 -11.66 26.53
CA HIS E 96 29.25 -11.56 28.02
C HIS E 96 27.82 -11.80 28.51
N ALA E 97 26.83 -11.24 27.83
CA ALA E 97 25.44 -11.34 28.33
C ALA E 97 24.94 -12.78 28.36
N PHE E 98 25.16 -13.54 27.28
CA PHE E 98 24.64 -14.90 27.19
C PHE E 98 25.49 -15.70 26.21
N SER E 99 25.33 -17.01 26.26
CA SER E 99 25.95 -17.92 25.31
C SER E 99 24.91 -18.93 24.84
N ILE E 100 25.08 -19.40 23.60
CA ILE E 100 24.12 -20.29 22.97
C ILE E 100 24.74 -21.68 22.91
N GLU E 101 24.04 -22.68 23.46
CA GLU E 101 24.54 -24.04 23.46
C GLU E 101 24.22 -24.78 22.17
N ASN E 102 22.94 -24.90 21.82
CA ASN E 102 22.54 -25.59 20.61
C ASN E 102 21.29 -24.93 20.04
N PHE E 103 21.28 -24.74 18.74
CA PHE E 103 20.15 -24.12 18.04
C PHE E 103 19.89 -24.91 16.77
N ASP E 104 18.74 -25.58 16.70
CA ASP E 104 18.37 -26.40 15.56
C ASP E 104 16.93 -26.11 15.17
N PHE E 105 16.71 -25.90 13.87
CA PHE E 105 15.36 -25.73 13.35
C PHE E 105 15.37 -26.06 11.87
N GLU E 106 14.18 -26.24 11.28
CA GLU E 106 14.16 -26.68 9.86
C GLU E 106 13.75 -25.55 8.91
N ILE E 107 14.40 -25.41 7.76
CA ILE E 107 14.03 -24.38 6.75
C ILE E 107 13.53 -25.09 5.49
N LEU E 108 12.26 -24.92 5.13
CA LEU E 108 11.69 -25.62 3.95
C LEU E 108 11.75 -24.67 2.76
N VAL E 109 12.38 -25.09 1.66
CA VAL E 109 12.48 -24.22 0.44
C VAL E 109 11.64 -24.85 -0.67
N ASP E 110 10.90 -24.03 -1.42
CA ASP E 110 10.00 -24.58 -2.46
C ASP E 110 10.27 -23.92 -3.81
N VAL E 111 11.34 -24.34 -4.49
CA VAL E 111 11.66 -23.76 -5.82
C VAL E 111 10.47 -23.96 -6.75
N GLU E 112 9.96 -22.89 -7.35
CA GLU E 112 8.85 -22.99 -8.32
C GLU E 112 9.36 -22.51 -9.68
N LEU E 113 9.27 -23.32 -10.72
CA LEU E 113 9.84 -22.98 -12.01
C LEU E 113 8.82 -22.22 -12.85
N ASP E 114 9.24 -21.83 -14.06
CA ASP E 114 8.31 -21.19 -14.98
C ASP E 114 7.18 -22.13 -15.36
N ASN E 115 7.49 -23.40 -15.57
CA ASN E 115 6.46 -24.41 -15.76
C ASN E 115 5.66 -24.58 -14.47
N ARG E 116 4.43 -25.07 -14.62
CA ARG E 116 3.53 -25.20 -13.48
C ARG E 116 4.02 -26.20 -12.43
N GLN E 117 5.08 -26.95 -12.77
CA GLN E 117 5.64 -27.94 -11.82
C GLN E 117 6.35 -27.23 -10.66
N LYS E 118 6.35 -27.83 -9.47
CA LYS E 118 7.02 -27.22 -8.29
C LYS E 118 7.87 -28.28 -7.58
N LEU E 119 9.17 -28.00 -7.41
CA LEU E 119 10.07 -28.93 -6.71
C LEU E 119 9.96 -28.69 -5.20
N ASN E 120 10.72 -29.42 -4.40
CA ASN E 120 10.69 -29.24 -2.93
C ASN E 120 12.00 -29.73 -2.34
N PHE E 121 12.77 -28.85 -1.71
CA PHE E 121 14.03 -29.27 -1.04
C PHE E 121 13.89 -28.95 0.45
N ASP E 122 14.56 -29.71 1.32
CA ASP E 122 14.53 -29.40 2.78
C ASP E 122 15.94 -29.07 3.25
N LEU E 123 16.07 -28.18 4.24
CA LEU E 123 17.41 -27.78 4.75
C LEU E 123 17.41 -27.82 6.27
N ASP E 124 18.48 -28.36 6.86
CA ASP E 124 18.63 -28.39 8.35
C ASP E 124 19.77 -27.45 8.75
N VAL E 125 19.51 -26.52 9.66
CA VAL E 125 20.54 -25.50 10.01
C VAL E 125 20.96 -25.71 11.46
N SER E 126 22.26 -25.54 11.77
CA SER E 126 22.74 -25.67 13.16
C SER E 126 23.65 -24.50 13.52
N TYR E 127 23.72 -24.14 14.81
CA TYR E 127 24.62 -23.09 15.26
C TYR E 127 26.03 -23.63 15.41
N LYS E 128 27.00 -22.81 15.01
CA LYS E 128 28.43 -23.22 15.10
C LYS E 128 29.13 -22.27 16.07
N GLU E 129 29.31 -21.01 15.70
CA GLU E 129 30.10 -20.09 16.57
C GLU E 129 29.67 -18.64 16.38
N THR E 130 29.88 -17.80 17.39
CA THR E 130 29.60 -16.34 17.24
C THR E 130 30.90 -15.68 16.79
N GLU E 131 30.83 -14.66 15.93
CA GLU E 131 32.06 -14.03 15.41
C GLU E 131 32.02 -12.52 15.68
N LYS E 132 33.19 -11.87 15.67
CA LYS E 132 33.25 -10.41 15.93
C LYS E 132 33.57 -9.69 14.61
N ILE E 133 32.60 -8.96 14.06
CA ILE E 133 32.88 -8.17 12.84
C ILE E 133 33.51 -6.85 13.31
N THR E 134 32.77 -6.08 14.11
CA THR E 134 33.34 -4.84 14.69
C THR E 134 33.35 -4.99 16.21
N ASN E 135 34.14 -4.18 16.92
CA ASN E 135 34.24 -4.33 18.39
C ASN E 135 32.93 -3.83 19.01
N SER E 136 31.96 -3.46 18.16
CA SER E 136 30.64 -3.00 18.67
C SER E 136 29.54 -3.93 18.14
N GLN E 137 29.80 -4.70 17.08
CA GLN E 137 28.73 -5.53 16.47
C GLN E 137 29.23 -6.97 16.24
N HIS E 138 28.34 -7.96 16.41
CA HIS E 138 28.71 -9.38 16.16
C HIS E 138 27.66 -10.02 15.25
N ARG E 139 28.00 -11.15 14.62
CA ARG E 139 27.07 -11.83 13.69
C ARG E 139 27.12 -13.34 13.89
N PHE E 140 26.04 -13.94 14.40
CA PHE E 140 26.00 -15.41 14.66
C PHE E 140 26.17 -16.14 13.32
N ILE E 141 26.88 -17.27 13.30
CA ILE E 141 27.14 -17.98 12.02
C ILE E 141 26.58 -19.41 12.10
N PHE E 142 25.53 -19.72 11.31
CA PHE E 142 24.97 -21.09 11.27
C PHE E 142 25.52 -21.83 10.06
N THR E 143 25.22 -23.13 9.91
CA THR E 143 25.71 -23.92 8.75
C THR E 143 24.68 -25.00 8.35
N ILE E 144 24.42 -25.14 7.05
CA ILE E 144 23.50 -26.21 6.55
C ILE E 144 24.13 -27.56 6.89
N LYS E 145 23.33 -28.54 7.31
CA LYS E 145 23.93 -29.83 7.76
C LYS E 145 23.61 -30.97 6.77
N ASN E 146 23.15 -30.65 5.55
CA ASN E 146 22.93 -31.73 4.56
C ASN E 146 23.14 -31.17 3.15
N GLU E 147 24.30 -31.44 2.56
CA GLU E 147 24.61 -30.87 1.21
C GLU E 147 24.72 -31.99 0.17
N ASP E 148 24.78 -33.25 0.61
CA ASP E 148 24.97 -34.39 -0.34
C ASP E 148 23.63 -34.72 -1.01
N GLU E 149 22.51 -34.40 -0.35
CA GLU E 149 21.19 -34.69 -0.89
C GLU E 149 20.52 -33.47 -1.52
N ASN E 150 21.21 -32.33 -1.54
CA ASN E 150 20.57 -31.09 -2.05
C ASN E 150 21.43 -30.47 -3.15
N ILE E 151 22.03 -31.29 -4.03
CA ILE E 151 22.83 -30.77 -5.13
C ILE E 151 21.95 -30.06 -6.14
N GLY E 152 20.69 -30.47 -6.21
CA GLY E 152 19.74 -29.79 -7.11
C GLY E 152 19.69 -28.32 -6.76
N LEU E 153 19.52 -27.99 -5.49
CA LEU E 153 19.35 -26.56 -5.14
C LEU E 153 20.58 -25.79 -5.64
N LYS E 154 21.78 -26.37 -5.54
CA LYS E 154 22.97 -25.71 -6.05
C LYS E 154 22.91 -25.55 -7.56
N LYS E 155 22.38 -26.57 -8.25
CA LYS E 155 22.24 -26.47 -9.71
C LYS E 155 21.29 -25.35 -10.10
N TYR E 156 20.18 -25.21 -9.38
CA TYR E 156 19.17 -24.17 -9.77
C TYR E 156 19.66 -22.79 -9.38
N VAL E 157 20.27 -22.64 -8.21
CA VAL E 157 20.68 -21.32 -7.75
C VAL E 157 21.72 -20.72 -8.71
N ASP E 158 22.66 -21.54 -9.17
CA ASP E 158 23.72 -21.06 -10.05
C ASP E 158 23.21 -20.59 -11.41
N SER E 159 21.97 -20.91 -11.76
CA SER E 159 21.41 -20.43 -13.02
C SER E 159 21.11 -18.93 -13.00
N LEU E 160 21.04 -18.33 -11.81
CA LEU E 160 20.75 -16.92 -11.71
C LEU E 160 22.00 -16.09 -12.02
N SER E 161 21.77 -14.79 -12.26
CA SER E 161 22.86 -13.86 -12.48
C SER E 161 23.39 -13.35 -11.13
N ALA E 162 24.38 -12.46 -11.20
CA ALA E 162 25.01 -11.97 -9.98
C ALA E 162 24.06 -11.13 -9.14
N GLY E 163 23.36 -10.19 -9.77
CA GLY E 163 22.48 -9.30 -9.02
C GLY E 163 21.32 -10.03 -8.37
N LEU E 164 20.74 -10.97 -9.11
CA LEU E 164 19.56 -11.69 -8.55
C LEU E 164 20.06 -12.61 -7.43
N LYS E 165 21.25 -13.21 -7.57
CA LYS E 165 21.81 -14.06 -6.49
C LYS E 165 22.12 -13.16 -5.31
N ASN E 166 22.66 -11.97 -5.56
CA ASN E 166 22.88 -11.03 -4.44
C ASN E 166 21.51 -10.77 -3.80
N LEU E 167 20.48 -10.54 -4.61
CA LEU E 167 19.15 -10.21 -4.03
C LEU E 167 18.67 -11.41 -3.19
N LEU E 168 18.81 -12.63 -3.71
CA LEU E 168 18.31 -13.82 -2.96
C LEU E 168 19.13 -13.94 -1.67
N PHE E 169 20.46 -13.86 -1.77
CA PHE E 169 21.30 -14.07 -0.57
C PHE E 169 20.93 -13.05 0.51
N LYS E 170 20.68 -11.80 0.13
CA LYS E 170 20.25 -10.80 1.13
C LYS E 170 18.92 -11.24 1.73
N LYS E 171 18.00 -11.74 0.91
CA LYS E 171 16.65 -12.09 1.44
C LYS E 171 16.77 -13.22 2.47
N ILE E 172 17.49 -14.31 2.16
CA ILE E 172 17.52 -15.44 3.12
C ILE E 172 18.13 -14.93 4.43
N ASN E 173 19.29 -14.26 4.35
CA ASN E 173 19.98 -13.80 5.59
C ASN E 173 19.04 -12.89 6.38
N GLN E 174 18.41 -11.91 5.73
CA GLN E 174 17.56 -10.95 6.47
C GLN E 174 16.46 -11.70 7.21
N LYS E 175 15.84 -12.68 6.55
CA LYS E 175 14.75 -13.46 7.19
C LYS E 175 15.33 -14.27 8.36
N LEU E 176 16.50 -14.87 8.18
CA LEU E 176 17.13 -15.66 9.27
C LEU E 176 17.38 -14.71 10.45
N SER E 177 17.92 -13.52 10.17
CA SER E 177 18.27 -12.58 11.26
C SER E 177 17.06 -12.32 12.17
N GLY E 178 15.94 -11.91 11.57
CA GLY E 178 14.77 -11.58 12.40
C GLY E 178 14.27 -12.79 13.17
N TYR E 179 14.23 -13.96 12.54
CA TYR E 179 13.70 -15.16 13.22
C TYR E 179 14.57 -15.52 14.43
N VAL E 180 15.89 -15.53 14.24
CA VAL E 180 16.80 -15.93 15.36
C VAL E 180 16.69 -14.91 16.49
N SER E 181 16.68 -13.62 16.15
CA SER E 181 16.63 -12.56 17.18
C SER E 181 15.32 -12.67 17.96
N GLU E 182 14.22 -12.95 17.26
CA GLU E 182 12.90 -13.00 17.93
C GLU E 182 12.93 -14.11 18.98
N ILE E 183 13.51 -15.27 18.64
CA ILE E 183 13.50 -16.40 19.61
C ILE E 183 14.30 -15.98 20.85
N ILE E 184 15.48 -15.37 20.66
CA ILE E 184 16.34 -14.99 21.81
C ILE E 184 15.64 -13.92 22.65
N VAL E 185 15.05 -12.90 22.01
CA VAL E 185 14.40 -11.79 22.77
C VAL E 185 13.19 -12.33 23.53
N LYS E 186 12.43 -13.24 22.92
CA LYS E 186 11.27 -13.84 23.61
C LYS E 186 11.77 -14.61 24.82
N ASN E 187 12.91 -15.30 24.67
CA ASN E 187 13.44 -16.15 25.77
C ASN E 187 14.12 -15.32 26.84
N ILE E 188 14.93 -14.31 26.48
CA ILE E 188 15.67 -13.62 27.53
C ILE E 188 15.19 -12.17 27.63
N ASP E 189 15.09 -11.67 28.86
CA ASP E 189 14.68 -10.29 29.11
C ASP E 189 15.83 -9.34 28.82
N ASP E 190 15.62 -8.06 29.17
CA ASP E 190 16.58 -7.00 28.86
C ASP E 190 17.35 -6.58 30.11
N ILE E 191 18.59 -6.14 29.89
CA ILE E 191 19.46 -5.62 30.93
C ILE E 191 20.10 -4.33 30.41
N GLU E 192 20.09 -3.29 31.23
CA GLU E 192 20.66 -2.00 30.86
C GLU E 192 22.06 -1.84 31.42
N GLU E 193 22.88 -1.06 30.71
CA GLU E 193 24.27 -0.86 31.10
C GLU E 193 24.37 0.08 32.30
N LEU E 194 25.48 -0.04 33.03
CA LEU E 194 25.72 0.81 34.18
C LEU E 194 25.96 2.25 33.77
N PHE E 195 26.83 2.46 32.78
CA PHE E 195 27.21 3.81 32.36
C PHE E 195 26.45 4.18 31.11
N PRO E 196 25.53 5.16 31.15
CA PRO E 196 24.76 5.59 29.98
C PRO E 196 25.61 6.35 28.98
N LYS E 201 21.34 7.97 25.48
CA LYS E 201 22.27 7.20 24.66
C LYS E 201 22.45 5.78 25.21
N SER E 202 21.77 5.49 26.31
CA SER E 202 21.85 4.16 26.91
C SER E 202 21.17 3.13 26.02
N THR E 203 21.80 1.96 25.89
CA THR E 203 21.30 0.88 25.06
C THR E 203 21.03 -0.34 25.92
N THR E 204 19.81 -0.87 25.83
CA THR E 204 19.46 -2.07 26.57
C THR E 204 19.87 -3.31 25.79
N LEU E 205 19.70 -4.47 26.44
CA LEU E 205 20.03 -5.73 25.77
C LEU E 205 19.04 -6.06 24.65
N HIS E 206 17.78 -5.69 24.81
CA HIS E 206 16.79 -5.98 23.78
C HIS E 206 17.11 -5.27 22.48
N LYS E 207 17.40 -3.97 22.56
CA LYS E 207 17.73 -3.22 21.35
C LYS E 207 19.03 -3.72 20.72
N GLU E 208 20.01 -4.04 21.56
CA GLU E 208 21.32 -4.51 21.05
C GLU E 208 21.12 -5.84 20.31
N ILE E 209 20.33 -6.75 20.89
CA ILE E 209 20.16 -8.06 20.26
C ILE E 209 19.24 -7.96 19.06
N LEU E 210 18.38 -6.94 19.02
CA LEU E 210 17.54 -6.73 17.83
C LEU E 210 18.34 -6.16 16.69
N GLN E 211 19.29 -5.28 16.99
CA GLN E 211 20.07 -4.63 15.93
C GLN E 211 21.01 -5.62 15.24
N THR E 212 21.54 -6.58 16.02
CA THR E 212 22.52 -7.56 15.46
C THR E 212 21.89 -8.40 14.36
N ASP E 213 22.70 -9.04 13.51
CA ASP E 213 22.15 -9.82 12.36
C ASP E 213 22.83 -11.20 12.28
N SER E 214 22.20 -12.15 11.60
CA SER E 214 22.76 -13.52 11.49
C SER E 214 23.31 -13.75 10.09
N ARG E 215 23.82 -14.95 9.81
CA ARG E 215 24.32 -15.28 8.44
C ARG E 215 24.24 -16.80 8.28
N LEU E 216 24.26 -17.31 7.04
CA LEU E 216 24.10 -18.76 6.83
C LEU E 216 25.16 -19.23 5.83
N SER E 217 26.44 -19.16 6.22
CA SER E 217 27.53 -19.64 5.34
C SER E 217 27.25 -21.08 4.92
N SER E 218 27.51 -21.40 3.65
CA SER E 218 27.28 -22.77 3.12
C SER E 218 27.81 -22.85 1.69
N ASP E 219 28.38 -24.00 1.31
CA ASP E 219 28.98 -24.13 -0.04
C ASP E 219 27.92 -23.79 -1.07
N ILE E 220 26.65 -24.09 -0.76
CA ILE E 220 25.61 -23.88 -1.76
C ILE E 220 25.31 -22.40 -1.95
N PHE E 221 25.24 -21.64 -0.86
CA PHE E 221 24.88 -20.20 -0.97
C PHE E 221 26.11 -19.35 -0.66
N LYS E 222 26.55 -18.53 -1.62
CA LYS E 222 27.80 -17.75 -1.42
C LYS E 222 27.59 -16.30 -1.84
N GLU E 223 28.68 -15.51 -1.92
CA GLU E 223 28.59 -14.09 -2.35
C GLU E 223 27.44 -13.39 -1.60
N MET F 1 5.74 10.47 -20.69
CA MET F 1 4.48 9.69 -20.66
C MET F 1 4.82 8.21 -20.53
N ILE F 2 4.15 7.48 -19.62
CA ILE F 2 4.38 6.05 -19.46
C ILE F 2 3.09 5.43 -18.92
N ARG F 3 2.72 4.26 -19.45
CA ARG F 3 1.50 3.57 -19.05
C ARG F 3 1.77 2.08 -18.95
N ASN F 4 0.90 1.40 -18.22
CA ASN F 4 0.96 -0.05 -18.07
C ASN F 4 -0.05 -0.69 -19.01
N ARG F 5 0.39 -1.69 -19.77
CA ARG F 5 -0.38 -2.29 -20.85
C ARG F 5 -1.15 -3.53 -20.40
N LEU F 6 -1.56 -3.57 -19.13
CA LEU F 6 -2.24 -4.76 -18.62
C LEU F 6 -3.57 -4.99 -19.30
N SER F 7 -4.34 -3.93 -19.55
CA SER F 7 -5.68 -4.09 -20.10
C SER F 7 -5.65 -4.70 -21.49
N GLU F 8 -4.75 -4.22 -22.36
CA GLU F 8 -4.67 -4.74 -23.71
C GLU F 8 -4.26 -6.21 -23.70
N LEU F 9 -3.29 -6.57 -22.85
CA LEU F 9 -2.85 -7.96 -22.77
C LEU F 9 -3.99 -8.86 -22.28
N LEU F 10 -4.70 -8.42 -21.26
CA LEU F 10 -5.81 -9.22 -20.74
C LEU F 10 -6.90 -9.39 -21.79
N SER F 11 -7.20 -8.33 -22.54
CA SER F 11 -8.21 -8.43 -23.59
C SER F 11 -7.76 -9.37 -24.69
N GLU F 12 -6.47 -9.32 -25.07
CA GLU F 12 -5.99 -10.16 -26.16
C GLU F 12 -5.96 -11.63 -25.77
N ARG F 13 -5.44 -11.93 -24.58
CA ARG F 13 -5.31 -13.33 -24.18
C ARG F 13 -6.64 -13.98 -23.82
N GLY F 14 -7.71 -13.20 -23.66
CA GLY F 14 -9.01 -13.73 -23.39
C GLY F 14 -9.34 -13.97 -21.93
N LEU F 15 -8.35 -13.75 -21.05
CA LEU F 15 -8.56 -13.96 -19.60
C LEU F 15 -9.48 -12.86 -19.05
N LYS F 16 -9.93 -13.01 -17.80
CA LYS F 16 -10.86 -12.01 -17.18
C LYS F 16 -10.24 -11.55 -15.87
N ILE F 17 -10.64 -10.38 -15.36
CA ILE F 17 -9.98 -9.82 -14.14
C ILE F 17 -10.17 -10.80 -12.99
N SER F 18 -11.35 -11.42 -12.86
CA SER F 18 -11.60 -12.30 -11.70
C SER F 18 -10.62 -13.47 -11.67
N ARG F 19 -10.39 -14.11 -12.82
CA ARG F 19 -9.52 -15.30 -12.84
C ARG F 19 -8.09 -14.89 -12.46
N VAL F 20 -7.62 -13.76 -13.01
CA VAL F 20 -6.21 -13.34 -12.75
C VAL F 20 -6.06 -13.07 -11.26
N ALA F 21 -7.04 -12.41 -10.64
CA ALA F 21 -6.88 -12.03 -9.21
C ALA F 21 -6.72 -13.27 -8.34
N LYS F 22 -7.54 -14.30 -8.58
CA LYS F 22 -7.46 -15.54 -7.77
C LYS F 22 -6.12 -16.23 -8.00
N ASP F 23 -5.68 -16.31 -9.26
CA ASP F 23 -4.42 -17.04 -9.58
C ASP F 23 -3.19 -16.36 -8.98
N VAL F 24 -3.13 -15.02 -8.99
CA VAL F 24 -1.88 -14.33 -8.51
C VAL F 24 -2.04 -13.85 -7.07
N LYS F 25 -3.12 -14.23 -6.38
CA LYS F 25 -3.28 -13.89 -4.97
C LYS F 25 -3.13 -12.38 -4.73
N ILE F 26 -3.85 -11.60 -5.53
CA ILE F 26 -3.91 -10.15 -5.38
C ILE F 26 -5.38 -9.75 -5.28
N ALA F 27 -5.67 -8.79 -4.39
CA ALA F 27 -7.03 -8.33 -4.21
C ALA F 27 -7.57 -7.74 -5.53
N ARG F 28 -8.85 -8.00 -5.80
CA ARG F 28 -9.43 -7.60 -7.07
C ARG F 28 -9.46 -6.09 -7.23
N SER F 29 -9.63 -5.35 -6.15
CA SER F 29 -9.69 -3.89 -6.25
C SER F 29 -8.38 -3.32 -6.77
N SER F 30 -7.26 -3.77 -6.21
CA SER F 30 -5.96 -3.27 -6.67
C SER F 30 -5.69 -3.66 -8.11
N LEU F 31 -6.03 -4.89 -8.49
CA LEU F 31 -5.79 -5.34 -9.86
C LEU F 31 -6.64 -4.56 -10.85
N THR F 32 -7.91 -4.31 -10.52
CA THR F 32 -8.76 -3.54 -11.43
C THR F 32 -8.40 -2.07 -11.45
N SER F 33 -7.77 -1.56 -10.39
CA SER F 33 -7.21 -0.21 -10.45
C SER F 33 -5.99 -0.18 -11.37
N MET F 34 -5.13 -1.18 -11.27
CA MET F 34 -3.96 -1.26 -12.15
C MET F 34 -4.36 -1.55 -13.59
N ALA F 35 -5.57 -2.08 -13.83
CA ALA F 35 -6.04 -2.25 -15.20
C ALA F 35 -6.14 -0.91 -15.90
N GLN F 36 -6.67 0.10 -15.22
CA GLN F 36 -6.58 1.48 -15.67
C GLN F 36 -5.23 2.05 -15.25
N ASN F 37 -5.06 3.36 -15.36
CA ASN F 37 -3.82 4.01 -14.97
C ASN F 37 -4.05 4.98 -13.80
N ASP F 38 -5.09 4.73 -13.02
CA ASP F 38 -5.38 5.58 -11.86
C ASP F 38 -4.29 5.44 -10.80
N SER F 39 -3.79 4.22 -10.59
CA SER F 39 -2.82 3.97 -9.54
C SER F 39 -1.54 4.73 -9.80
N GLU F 40 -0.90 5.20 -8.72
CA GLU F 40 0.32 5.97 -8.79
C GLU F 40 1.57 5.12 -8.54
N MET F 41 1.56 4.30 -7.50
CA MET F 41 2.69 3.48 -7.13
C MET F 41 2.31 2.01 -7.24
N ILE F 42 3.21 1.20 -7.81
CA ILE F 42 2.99 -0.22 -7.99
C ILE F 42 4.12 -0.98 -7.32
N ARG F 43 3.85 -2.23 -6.96
CA ARG F 43 4.76 -3.05 -6.17
C ARG F 43 5.58 -3.96 -7.08
N TYR F 44 6.79 -4.29 -6.63
CA TYR F 44 7.65 -5.19 -7.40
C TYR F 44 7.04 -6.58 -7.49
N ASP F 45 6.42 -7.05 -6.41
CA ASP F 45 5.83 -8.38 -6.39
C ASP F 45 4.72 -8.50 -7.43
N ALA F 46 3.92 -7.45 -7.60
CA ALA F 46 2.87 -7.46 -8.61
C ALA F 46 3.46 -7.62 -10.00
N ILE F 47 4.54 -6.88 -10.30
CA ILE F 47 5.18 -6.99 -11.60
C ILE F 47 5.70 -8.40 -11.80
N ASP F 48 6.34 -8.97 -10.79
CA ASP F 48 6.93 -10.31 -10.99
C ASP F 48 5.81 -11.32 -11.23
N LYS F 49 4.78 -11.29 -10.40
CA LYS F 49 3.71 -12.28 -10.54
C LYS F 49 3.02 -12.15 -11.89
N LEU F 50 2.71 -10.91 -12.30
CA LEU F 50 2.00 -10.72 -13.57
C LEU F 50 2.87 -11.06 -14.76
N CYS F 51 4.19 -10.87 -14.65
CA CYS F 51 5.07 -11.23 -15.75
C CYS F 51 5.29 -12.74 -15.81
N SER F 52 5.34 -13.41 -14.66
CA SER F 52 5.52 -14.85 -14.65
C SER F 52 4.26 -15.56 -15.15
N TYR F 53 3.08 -15.08 -14.73
CA TYR F 53 1.84 -15.76 -15.08
C TYR F 53 1.52 -15.63 -16.57
N LEU F 54 1.83 -14.49 -17.16
CA LEU F 54 1.49 -14.22 -18.55
C LEU F 54 2.62 -14.55 -19.52
N HIS F 55 3.75 -15.05 -19.03
CA HIS F 55 4.89 -15.42 -19.88
C HIS F 55 5.36 -14.24 -20.73
N ILE F 56 5.65 -13.12 -20.06
CA ILE F 56 6.08 -11.90 -20.74
C ILE F 56 7.23 -11.27 -19.96
N SER F 57 8.21 -10.76 -20.68
CA SER F 57 9.27 -9.97 -20.08
C SER F 57 8.76 -8.56 -19.78
N PRO F 58 9.41 -7.85 -18.86
CA PRO F 58 8.94 -6.49 -18.52
C PRO F 58 8.99 -5.52 -19.69
N SER F 59 9.73 -5.83 -20.75
CA SER F 59 9.78 -4.94 -21.91
C SER F 59 8.40 -4.75 -22.53
N GLU F 60 7.54 -5.76 -22.44
CA GLU F 60 6.19 -5.65 -22.98
C GLU F 60 5.19 -5.13 -21.97
N PHE F 61 5.53 -5.15 -20.68
CA PHE F 61 4.59 -4.67 -19.66
C PHE F 61 4.53 -3.15 -19.61
N PHE F 62 5.61 -2.47 -20.01
CA PHE F 62 5.67 -1.02 -20.00
C PHE F 62 5.89 -0.49 -21.40
N GLU F 63 5.19 0.60 -21.73
CA GLU F 63 5.43 1.37 -22.94
C GLU F 63 5.85 2.77 -22.56
N HIS F 64 6.96 3.23 -23.15
CA HIS F 64 7.55 4.51 -22.77
C HIS F 64 7.83 5.36 -23.99
N ASN F 65 7.62 6.66 -23.84
CA ASN F 65 7.92 7.63 -24.89
C ASN F 65 8.68 8.79 -24.27
N PRO F 66 9.80 9.21 -24.87
CA PRO F 66 10.64 10.23 -24.22
C PRO F 66 9.98 11.58 -24.05
N ILE F 67 8.94 11.88 -24.83
CA ILE F 67 8.30 13.19 -24.77
C ILE F 67 7.65 13.38 -23.41
N ASN F 68 7.38 14.63 -23.02
CA ASN F 68 6.80 14.92 -21.68
C ASN F 68 6.09 16.27 -21.69
N PHE F 69 4.77 16.28 -21.47
CA PHE F 69 3.97 17.54 -21.53
C PHE F 69 3.70 18.03 -20.11
N ASP F 70 3.87 19.32 -19.84
CA ASP F 70 3.54 19.88 -18.51
C ASP F 70 2.54 21.02 -18.66
N PHE F 71 1.42 20.98 -17.94
CA PHE F 71 0.36 22.01 -18.11
C PHE F 71 0.29 22.85 -16.84
N THR F 72 0.40 24.18 -16.98
CA THR F 72 0.32 25.10 -15.82
C THR F 72 -0.86 26.06 -16.01
N PHE F 73 -1.89 25.96 -15.17
CA PHE F 73 -3.12 26.80 -15.31
C PHE F 73 -2.86 28.25 -14.89
N ASP F 74 -3.65 29.19 -15.40
CA ASP F 74 -3.51 30.63 -15.05
C ASP F 74 -3.90 30.82 -13.59
N GLU F 75 -3.36 31.87 -12.95
CA GLU F 75 -3.67 32.14 -11.53
C GLU F 75 -4.71 33.27 -11.45
N GLU F 76 -5.10 33.83 -12.59
CA GLU F 76 -6.04 34.98 -12.57
C GLU F 76 -7.11 34.94 -13.66
N PRO F 77 -8.17 34.11 -13.55
CA PRO F 77 -9.14 34.00 -14.62
C PRO F 77 -10.19 35.10 -14.54
N ASN F 78 -11.15 35.09 -15.46
CA ASN F 78 -12.27 36.08 -15.41
C ASN F 78 -13.59 35.32 -15.25
N TYR F 79 -14.13 35.23 -14.03
CA TYR F 79 -15.34 34.40 -13.85
C TYR F 79 -16.60 35.28 -13.74
N LYS F 80 -17.61 34.99 -14.56
CA LYS F 80 -18.90 35.74 -14.49
C LYS F 80 -20.01 34.76 -14.10
N ILE F 81 -20.58 34.92 -12.89
CA ILE F 81 -21.54 33.95 -12.39
C ILE F 81 -22.79 34.68 -11.94
N ASN F 82 -23.96 34.15 -12.30
CA ASN F 82 -25.24 34.75 -11.85
C ASN F 82 -25.97 33.72 -10.97
N ASP F 83 -26.47 34.13 -9.81
CA ASP F 83 -27.14 33.17 -8.87
C ASP F 83 -28.60 33.01 -9.28
N VAL F 84 -28.85 32.36 -10.43
CA VAL F 84 -30.24 32.19 -10.95
C VAL F 84 -31.08 31.47 -9.89
N PHE F 85 -32.29 31.97 -9.62
CA PHE F 85 -33.19 31.31 -8.63
C PHE F 85 -34.27 30.53 -9.39
N GLU F 86 -34.29 29.21 -9.20
CA GLU F 86 -35.27 28.36 -9.92
C GLU F 86 -35.61 27.15 -9.04
N GLY F 87 -35.81 27.37 -7.74
CA GLY F 87 -36.21 26.27 -6.84
C GLY F 87 -35.36 25.03 -7.03
N PHE F 88 -34.05 25.19 -7.07
CA PHE F 88 -33.14 24.01 -7.20
C PHE F 88 -33.54 22.93 -6.20
N GLU F 89 -34.10 23.31 -5.04
CA GLU F 89 -34.41 22.31 -3.99
C GLU F 89 -35.33 21.23 -4.55
N VAL F 90 -36.33 21.60 -5.36
CA VAL F 90 -37.33 20.59 -5.83
C VAL F 90 -36.61 19.48 -6.60
N THR F 91 -35.64 19.85 -7.46
CA THR F 91 -34.93 18.84 -8.28
C THR F 91 -33.45 19.24 -8.38
N ALA F 92 -32.54 18.31 -8.08
CA ALA F 92 -31.10 18.68 -8.08
C ALA F 92 -30.60 18.81 -9.52
N ASN F 93 -31.09 19.80 -10.26
CA ASN F 93 -30.60 20.05 -11.63
C ASN F 93 -29.59 21.21 -11.55
N ILE F 94 -28.31 20.92 -11.75
CA ILE F 94 -27.26 21.96 -11.60
C ILE F 94 -27.71 23.25 -12.31
N THR F 95 -28.21 23.15 -13.55
CA THR F 95 -28.50 24.38 -14.28
C THR F 95 -29.49 25.27 -13.56
N HIS F 96 -30.27 24.74 -12.62
CA HIS F 96 -31.23 25.56 -11.88
C HIS F 96 -30.52 26.42 -10.84
N ALA F 97 -29.49 25.89 -10.19
CA ALA F 97 -28.82 26.62 -9.12
C ALA F 97 -28.13 27.87 -9.64
N PHE F 98 -27.44 27.79 -10.77
CA PHE F 98 -26.67 28.92 -11.27
C PHE F 98 -26.45 28.74 -12.77
N SER F 99 -25.99 29.82 -13.39
CA SER F 99 -25.62 29.83 -14.80
C SER F 99 -24.29 30.54 -14.96
N ILE F 100 -23.55 30.15 -16.01
CA ILE F 100 -22.19 30.74 -16.25
C ILE F 100 -22.29 31.69 -17.45
N GLU F 101 -21.95 32.96 -17.23
CA GLU F 101 -21.97 33.96 -18.30
C GLU F 101 -20.72 33.86 -19.18
N ASN F 102 -19.55 34.03 -18.57
CA ASN F 102 -18.28 33.99 -19.35
C ASN F 102 -17.12 33.57 -18.44
N PHE F 103 -16.58 32.36 -18.63
CA PHE F 103 -15.39 31.91 -17.86
C PHE F 103 -14.22 31.74 -18.83
N ASP F 104 -13.15 32.54 -18.66
CA ASP F 104 -11.97 32.45 -19.56
C ASP F 104 -10.70 32.32 -18.71
N PHE F 105 -9.82 31.36 -19.04
CA PHE F 105 -8.54 31.20 -18.32
C PHE F 105 -7.44 30.83 -19.33
N GLU F 106 -6.17 31.01 -18.95
CA GLU F 106 -5.05 30.74 -19.88
C GLU F 106 -4.32 29.46 -19.47
N ILE F 107 -4.14 28.52 -20.42
CA ILE F 107 -3.38 27.28 -20.12
C ILE F 107 -2.03 27.38 -20.83
N LEU F 108 -0.92 27.25 -20.08
CA LEU F 108 0.44 27.34 -20.67
C LEU F 108 0.97 25.91 -20.83
N VAL F 109 1.28 25.50 -22.06
CA VAL F 109 1.72 24.09 -22.30
C VAL F 109 3.21 24.11 -22.64
N ASP F 110 4.03 23.32 -21.94
CA ASP F 110 5.47 23.23 -22.28
C ASP F 110 5.74 21.82 -22.80
N VAL F 111 6.31 21.70 -24.01
CA VAL F 111 6.58 20.37 -24.61
C VAL F 111 8.08 20.13 -24.56
N GLU F 112 8.54 19.24 -23.69
CA GLU F 112 9.96 18.93 -23.52
C GLU F 112 10.28 17.68 -24.33
N LEU F 113 11.08 17.84 -25.37
CA LEU F 113 11.46 16.73 -26.21
C LEU F 113 12.59 15.94 -25.55
N ASP F 114 13.03 14.87 -26.22
CA ASP F 114 14.16 14.09 -25.72
C ASP F 114 15.43 14.94 -25.70
N ASN F 115 15.61 15.79 -26.71
CA ASN F 115 16.71 16.74 -26.70
C ASN F 115 16.52 17.74 -25.57
N ARG F 116 17.63 18.29 -25.09
CA ARG F 116 17.58 19.22 -23.97
C ARG F 116 16.80 20.49 -24.29
N GLN F 117 16.68 20.84 -25.57
CA GLN F 117 15.89 22.01 -25.94
C GLN F 117 14.40 21.72 -25.75
N LYS F 118 13.67 22.77 -25.39
CA LYS F 118 12.23 22.66 -25.15
C LYS F 118 11.50 23.79 -25.86
N LEU F 119 10.26 23.50 -26.25
CA LEU F 119 9.43 24.51 -26.95
C LEU F 119 8.49 25.14 -25.93
N ASN F 120 7.57 26.00 -26.38
CA ASN F 120 6.56 26.61 -25.48
C ASN F 120 5.34 27.00 -26.33
N PHE F 121 4.16 26.48 -25.99
CA PHE F 121 2.92 26.81 -26.73
C PHE F 121 1.90 27.37 -25.73
N ASP F 122 1.10 28.36 -26.12
CA ASP F 122 0.12 29.00 -25.21
C ASP F 122 -1.30 28.72 -25.70
N LEU F 123 -2.25 28.48 -24.79
CA LEU F 123 -3.65 28.16 -25.17
C LEU F 123 -4.63 29.05 -24.39
N ASP F 124 -5.71 29.49 -25.03
CA ASP F 124 -6.75 30.30 -24.35
C ASP F 124 -8.07 29.52 -24.43
N VAL F 125 -8.79 29.36 -23.31
CA VAL F 125 -10.02 28.52 -23.33
C VAL F 125 -11.21 29.36 -22.87
N SER F 126 -12.41 29.08 -23.40
CA SER F 126 -13.62 29.87 -23.05
C SER F 126 -14.81 28.94 -22.78
N TYR F 127 -15.78 29.40 -21.98
CA TYR F 127 -17.00 28.59 -21.70
C TYR F 127 -17.92 28.65 -22.91
N LYS F 128 -18.80 27.65 -23.04
CA LYS F 128 -19.73 27.60 -24.21
C LYS F 128 -21.12 27.20 -23.71
N GLU F 129 -21.29 25.96 -23.27
CA GLU F 129 -22.64 25.47 -22.86
C GLU F 129 -22.50 24.33 -21.85
N THR F 130 -23.63 23.75 -21.42
CA THR F 130 -23.57 22.57 -20.52
C THR F 130 -24.16 21.37 -21.26
N GLU F 131 -23.40 20.28 -21.37
CA GLU F 131 -23.84 19.09 -22.17
C GLU F 131 -25.10 18.46 -21.57
N LYS F 132 -25.19 18.35 -20.24
CA LYS F 132 -26.34 17.66 -19.60
C LYS F 132 -26.45 16.24 -20.18
N ILE F 133 -25.32 15.54 -20.32
CA ILE F 133 -25.31 14.19 -20.93
C ILE F 133 -26.16 13.22 -20.10
N THR F 134 -26.05 13.30 -18.77
CA THR F 134 -26.81 12.38 -17.88
C THR F 134 -27.69 13.24 -16.97
N ASN F 135 -28.92 12.81 -16.68
CA ASN F 135 -29.82 13.67 -15.87
C ASN F 135 -29.17 13.87 -14.50
N SER F 136 -28.61 12.81 -13.92
CA SER F 136 -27.90 12.92 -12.62
C SER F 136 -26.62 13.75 -12.74
N GLN F 137 -25.83 13.57 -13.80
CA GLN F 137 -24.51 14.27 -13.89
C GLN F 137 -24.39 15.10 -15.17
N HIS F 138 -24.04 16.37 -15.06
CA HIS F 138 -23.85 17.25 -16.25
C HIS F 138 -22.36 17.51 -16.46
N ARG F 139 -21.94 17.75 -17.71
CA ARG F 139 -20.52 18.03 -18.00
C ARG F 139 -20.39 19.42 -18.66
N PHE F 140 -19.49 20.27 -18.15
CA PHE F 140 -19.25 21.60 -18.79
C PHE F 140 -18.45 21.37 -20.08
N ILE F 141 -18.63 22.25 -21.07
CA ILE F 141 -17.89 22.14 -22.35
C ILE F 141 -17.08 23.42 -22.57
N PHE F 142 -15.78 23.29 -22.84
CA PHE F 142 -14.92 24.47 -23.12
C PHE F 142 -14.21 24.22 -24.45
N THR F 143 -13.88 25.29 -25.19
CA THR F 143 -13.25 25.14 -26.53
C THR F 143 -11.97 25.99 -26.59
N ILE F 144 -10.91 25.47 -27.22
CA ILE F 144 -9.63 26.23 -27.37
C ILE F 144 -9.88 27.39 -28.33
N LYS F 145 -9.54 28.61 -27.93
CA LYS F 145 -9.83 29.79 -28.77
C LYS F 145 -8.96 29.77 -30.04
N ASN F 146 -7.63 29.82 -29.88
CA ASN F 146 -6.74 29.93 -31.05
C ASN F 146 -6.22 28.55 -31.45
N GLU F 147 -6.67 28.01 -32.58
CA GLU F 147 -6.12 26.72 -33.07
C GLU F 147 -5.16 26.98 -34.23
N ASP F 148 -5.30 28.12 -34.91
CA ASP F 148 -4.47 28.41 -36.12
C ASP F 148 -3.02 28.65 -35.73
N GLU F 149 -2.76 29.30 -34.59
CA GLU F 149 -1.37 29.66 -34.22
C GLU F 149 -0.77 28.62 -33.26
N ASN F 150 -1.42 27.45 -33.14
CA ASN F 150 -0.89 26.38 -32.25
C ASN F 150 -0.93 25.05 -33.00
N ILE F 151 -0.87 25.08 -34.33
CA ILE F 151 -0.89 23.83 -35.14
C ILE F 151 0.29 22.96 -34.73
N GLY F 152 1.43 23.58 -34.41
CA GLY F 152 2.63 22.80 -34.06
C GLY F 152 2.34 21.83 -32.92
N LEU F 153 1.53 22.26 -31.94
CA LEU F 153 1.21 21.39 -30.78
C LEU F 153 0.50 20.13 -31.27
N LYS F 154 -0.41 20.29 -32.24
CA LYS F 154 -1.18 19.13 -32.78
C LYS F 154 -0.21 18.14 -33.43
N LYS F 155 0.77 18.63 -34.19
CA LYS F 155 1.74 17.75 -34.88
C LYS F 155 2.44 16.87 -33.84
N TYR F 156 2.85 17.46 -32.72
CA TYR F 156 3.56 16.72 -31.69
C TYR F 156 2.67 15.70 -31.01
N VAL F 157 1.42 16.06 -30.73
CA VAL F 157 0.52 15.12 -29.99
C VAL F 157 0.27 13.89 -30.87
N ASP F 158 0.04 14.08 -32.18
CA ASP F 158 -0.28 12.96 -33.05
C ASP F 158 0.84 11.93 -33.15
N SER F 159 2.05 12.27 -32.71
CA SER F 159 3.15 11.30 -32.74
C SER F 159 2.98 10.20 -31.68
N LEU F 160 2.11 10.45 -30.69
CA LEU F 160 1.93 9.47 -29.59
C LEU F 160 0.98 8.36 -30.04
N SER F 161 1.02 7.20 -29.38
CA SER F 161 0.16 6.07 -29.68
C SER F 161 -1.22 6.30 -29.05
N ALA F 162 -2.11 5.31 -29.21
CA ALA F 162 -3.47 5.46 -28.73
C ALA F 162 -3.53 5.51 -27.21
N GLY F 163 -2.85 4.58 -26.55
CA GLY F 163 -2.92 4.52 -25.10
C GLY F 163 -2.33 5.74 -24.42
N LEU F 164 -1.17 6.15 -24.91
CA LEU F 164 -0.50 7.33 -24.32
C LEU F 164 -1.35 8.55 -24.66
N LYS F 165 -1.90 8.63 -25.87
CA LYS F 165 -2.80 9.77 -26.19
C LYS F 165 -3.99 9.72 -25.23
N ASN F 166 -4.57 8.54 -25.04
CA ASN F 166 -5.68 8.43 -24.06
C ASN F 166 -5.16 8.90 -22.70
N LEU F 167 -3.99 8.45 -22.27
CA LEU F 167 -3.54 8.86 -20.92
C LEU F 167 -3.44 10.40 -20.89
N LEU F 168 -2.88 11.01 -21.94
CA LEU F 168 -2.69 12.48 -21.95
C LEU F 168 -4.06 13.15 -21.82
N PHE F 169 -5.05 12.69 -22.58
CA PHE F 169 -6.40 13.31 -22.57
C PHE F 169 -7.02 13.17 -21.17
N LYS F 170 -6.86 12.00 -20.55
CA LYS F 170 -7.41 11.79 -19.19
C LYS F 170 -6.78 12.81 -18.24
N LYS F 171 -5.51 13.15 -18.44
CA LYS F 171 -4.83 14.08 -17.51
C LYS F 171 -5.34 15.50 -17.74
N ILE F 172 -5.40 15.97 -18.99
CA ILE F 172 -5.80 17.40 -19.17
C ILE F 172 -7.22 17.59 -18.65
N ASN F 173 -8.14 16.67 -18.97
CA ASN F 173 -9.54 16.80 -18.51
C ASN F 173 -9.62 16.71 -17.00
N GLN F 174 -8.88 15.80 -16.37
CA GLN F 174 -8.99 15.64 -14.91
C GLN F 174 -8.52 16.92 -14.22
N LYS F 175 -7.43 17.51 -14.71
CA LYS F 175 -6.90 18.76 -14.11
C LYS F 175 -7.87 19.91 -14.39
N LEU F 176 -8.42 19.97 -15.60
CA LEU F 176 -9.34 21.08 -15.96
C LEU F 176 -10.56 21.03 -15.04
N SER F 177 -11.09 19.83 -14.80
CA SER F 177 -12.30 19.68 -13.95
C SER F 177 -11.98 20.14 -12.52
N GLY F 178 -10.81 19.76 -12.01
CA GLY F 178 -10.42 20.17 -10.65
C GLY F 178 -10.29 21.68 -10.55
N TYR F 179 -9.69 22.31 -11.55
CA TYR F 179 -9.52 23.79 -11.56
C TYR F 179 -10.89 24.46 -11.60
N VAL F 180 -11.81 23.96 -12.42
CA VAL F 180 -13.14 24.61 -12.58
C VAL F 180 -13.96 24.37 -11.31
N SER F 181 -14.12 23.11 -10.88
CA SER F 181 -14.95 22.83 -9.72
C SER F 181 -14.46 23.60 -8.50
N GLU F 182 -13.13 23.70 -8.32
CA GLU F 182 -12.61 24.45 -7.19
C GLU F 182 -13.01 25.92 -7.29
N ILE F 183 -12.88 26.51 -8.48
CA ILE F 183 -13.26 27.93 -8.64
C ILE F 183 -14.75 28.12 -8.36
N ILE F 184 -15.58 27.25 -8.93
CA ILE F 184 -17.03 27.40 -8.77
C ILE F 184 -17.42 27.26 -7.30
N VAL F 185 -16.87 26.27 -6.60
CA VAL F 185 -17.20 26.08 -5.19
C VAL F 185 -16.65 27.23 -4.35
N LYS F 186 -15.56 27.85 -4.78
CA LYS F 186 -15.06 29.03 -4.07
C LYS F 186 -16.01 30.21 -4.23
N ASN F 187 -16.63 30.33 -5.41
CA ASN F 187 -17.48 31.50 -5.64
C ASN F 187 -18.79 31.43 -4.87
N ILE F 188 -19.45 30.27 -4.85
CA ILE F 188 -20.81 30.15 -4.34
C ILE F 188 -20.83 29.18 -3.17
N ASP F 189 -21.65 29.50 -2.17
CA ASP F 189 -21.84 28.64 -1.01
C ASP F 189 -22.73 27.44 -1.37
N ASP F 190 -23.10 26.67 -0.35
CA ASP F 190 -23.83 25.42 -0.54
C ASP F 190 -25.30 25.56 -0.17
N ILE F 191 -26.15 24.77 -0.83
CA ILE F 191 -27.57 24.68 -0.53
C ILE F 191 -27.94 23.20 -0.50
N GLU F 192 -28.69 22.80 0.53
CA GLU F 192 -29.08 21.41 0.70
C GLU F 192 -30.58 21.25 0.57
N GLU F 193 -30.99 20.11 0.02
CA GLU F 193 -32.41 19.81 -0.18
C GLU F 193 -33.03 19.28 1.10
N LEU F 194 -34.33 19.56 1.25
CA LEU F 194 -35.05 19.08 2.43
C LEU F 194 -35.34 17.58 2.34
N PHE F 195 -35.72 17.10 1.16
CA PHE F 195 -36.11 15.71 0.98
C PHE F 195 -34.96 14.94 0.36
N PRO F 196 -34.32 14.00 1.08
CA PRO F 196 -33.23 13.19 0.54
C PRO F 196 -33.70 12.21 -0.54
N LYS F 201 -28.89 10.31 2.58
CA LYS F 201 -28.87 10.35 1.12
C LYS F 201 -28.95 11.79 0.61
N SER F 202 -29.05 12.74 1.53
CA SER F 202 -29.12 14.14 1.15
C SER F 202 -27.79 14.60 0.58
N THR F 203 -27.87 15.37 -0.52
CA THR F 203 -26.70 15.87 -1.22
C THR F 203 -26.76 17.39 -1.30
N THR F 204 -25.71 18.05 -0.86
CA THR F 204 -25.62 19.50 -0.94
C THR F 204 -25.12 19.92 -2.31
N LEU F 205 -25.16 21.24 -2.55
CA LEU F 205 -24.65 21.77 -3.82
C LEU F 205 -23.14 21.66 -3.91
N HIS F 206 -22.46 21.86 -2.79
CA HIS F 206 -20.97 21.76 -2.77
C HIS F 206 -20.58 20.37 -3.25
N LYS F 207 -21.15 19.33 -2.65
CA LYS F 207 -20.78 17.93 -3.01
C LYS F 207 -21.15 17.68 -4.48
N GLU F 208 -22.31 18.16 -4.92
CA GLU F 208 -22.76 17.90 -6.30
C GLU F 208 -21.79 18.56 -7.29
N ILE F 209 -21.39 19.81 -7.04
CA ILE F 209 -20.48 20.53 -7.98
C ILE F 209 -19.10 19.86 -8.00
N LEU F 210 -18.62 19.40 -6.84
CA LEU F 210 -17.31 18.69 -6.78
C LEU F 210 -17.42 17.42 -7.62
N GLN F 211 -18.54 16.70 -7.51
CA GLN F 211 -18.76 15.47 -8.32
C GLN F 211 -18.83 15.85 -9.81
N THR F 212 -19.44 16.99 -10.13
CA THR F 212 -19.61 17.39 -11.56
C THR F 212 -18.21 17.53 -12.20
N ASP F 213 -18.05 17.03 -13.43
CA ASP F 213 -16.72 17.07 -14.09
C ASP F 213 -16.85 17.82 -15.41
N SER F 214 -15.80 18.56 -15.80
CA SER F 214 -15.81 19.33 -17.07
C SER F 214 -15.18 18.50 -18.20
N ARG F 215 -14.92 19.15 -19.34
CA ARG F 215 -14.34 18.49 -20.50
C ARG F 215 -13.90 19.54 -21.50
N LEU F 216 -12.67 19.40 -21.99
CA LEU F 216 -12.12 20.34 -23.01
C LEU F 216 -12.16 19.63 -24.36
N SER F 217 -12.99 20.14 -25.28
CA SER F 217 -13.14 19.48 -26.61
C SER F 217 -12.55 20.38 -27.71
N SER F 218 -11.47 19.93 -28.34
CA SER F 218 -10.86 20.70 -29.46
C SER F 218 -10.11 19.75 -30.40
N ASP F 219 -9.81 20.20 -31.62
CA ASP F 219 -9.15 19.31 -32.61
C ASP F 219 -7.78 18.87 -32.08
N ILE F 220 -6.97 19.82 -31.61
CA ILE F 220 -5.61 19.48 -31.08
C ILE F 220 -5.78 18.30 -30.13
N PHE F 221 -6.52 18.49 -29.04
CA PHE F 221 -6.68 17.41 -28.03
C PHE F 221 -7.87 16.51 -28.40
N LYS F 222 -7.75 15.74 -29.49
CA LYS F 222 -8.86 14.87 -29.96
C LYS F 222 -8.96 13.60 -29.11
N GLU F 223 -10.11 12.91 -29.15
CA GLU F 223 -10.28 11.63 -28.42
C GLU F 223 -9.94 11.81 -26.94
N MET G 1 25.12 37.82 -13.80
CA MET G 1 26.22 38.52 -13.11
C MET G 1 26.13 40.02 -13.41
N ILE G 2 25.69 40.82 -12.43
CA ILE G 2 25.63 42.30 -12.63
C ILE G 2 26.23 43.01 -11.40
N ARG G 3 27.09 44.00 -11.62
CA ARG G 3 27.66 44.80 -10.50
C ARG G 3 27.56 46.30 -10.80
N ASN G 4 27.53 47.14 -9.76
CA ASN G 4 27.54 48.62 -9.95
C ASN G 4 28.99 49.08 -10.12
N ARG G 5 29.22 50.10 -10.96
CA ARG G 5 30.61 50.55 -11.24
C ARG G 5 30.88 51.84 -10.46
N LEU G 6 30.06 52.16 -9.45
CA LEU G 6 30.19 53.46 -8.74
C LEU G 6 31.57 53.60 -8.10
N SER G 7 32.09 52.54 -7.46
CA SER G 7 33.38 52.70 -6.74
C SER G 7 34.50 53.07 -7.72
N GLU G 8 34.55 52.43 -8.88
CA GLU G 8 35.60 52.72 -9.89
C GLU G 8 35.44 54.16 -10.38
N LEU G 9 34.20 54.58 -10.66
CA LEU G 9 33.96 55.94 -11.20
C LEU G 9 34.38 56.99 -10.18
N LEU G 10 34.06 56.80 -8.90
CA LEU G 10 34.36 57.83 -7.88
C LEU G 10 35.87 58.02 -7.76
N SER G 11 36.64 56.93 -7.83
CA SER G 11 38.11 57.02 -7.67
C SER G 11 38.75 57.76 -8.85
N GLU G 12 38.35 57.45 -10.08
CA GLU G 12 38.91 58.15 -11.27
C GLU G 12 38.50 59.63 -11.23
N ARG G 13 37.25 59.92 -10.85
CA ARG G 13 36.78 61.34 -10.82
C ARG G 13 37.59 62.12 -9.79
N GLY G 14 37.87 61.51 -8.64
CA GLY G 14 38.69 62.19 -7.62
C GLY G 14 37.87 62.61 -6.41
N LEU G 15 36.63 62.12 -6.30
CA LEU G 15 35.74 62.52 -5.19
C LEU G 15 35.93 61.53 -4.03
N LYS G 16 34.98 61.53 -3.09
CA LYS G 16 35.05 60.60 -1.93
C LYS G 16 33.64 60.42 -1.35
N ILE G 17 33.37 59.27 -0.73
CA ILE G 17 32.02 58.98 -0.20
C ILE G 17 31.57 60.18 0.63
N SER G 18 32.46 60.74 1.44
CA SER G 18 32.06 61.85 2.34
C SER G 18 31.49 63.01 1.54
N ARG G 19 32.15 63.38 0.43
CA ARG G 19 31.71 64.56 -0.37
C ARG G 19 30.36 64.27 -1.03
N VAL G 20 30.21 63.12 -1.68
CA VAL G 20 28.95 62.83 -2.44
C VAL G 20 27.76 62.78 -1.48
N ALA G 21 27.92 62.17 -0.30
CA ALA G 21 26.80 62.01 0.65
C ALA G 21 26.07 63.35 0.85
N LYS G 22 26.80 64.46 0.77
CA LYS G 22 26.20 65.81 0.98
C LYS G 22 25.71 66.38 -0.35
N ASP G 23 26.49 66.24 -1.42
CA ASP G 23 26.11 66.81 -2.74
C ASP G 23 24.77 66.20 -3.22
N VAL G 24 24.63 64.87 -3.16
CA VAL G 24 23.40 64.20 -3.67
C VAL G 24 22.41 63.94 -2.53
N LYS G 25 22.73 64.38 -1.31
CA LYS G 25 21.81 64.24 -0.14
C LYS G 25 21.43 62.76 0.09
N ILE G 26 22.39 61.85 0.04
CA ILE G 26 22.11 60.41 0.33
C ILE G 26 22.88 60.00 1.60
N ALA G 27 22.24 59.29 2.53
CA ALA G 27 22.87 58.88 3.81
C ALA G 27 24.27 58.29 3.57
N ARG G 28 25.23 58.59 4.48
CA ARG G 28 26.61 58.14 4.27
C ARG G 28 26.71 56.61 4.36
N SER G 29 26.02 56.01 5.34
CA SER G 29 26.08 54.56 5.49
C SER G 29 25.51 53.86 4.28
N SER G 30 24.35 54.32 3.79
CA SER G 30 23.74 53.69 2.63
C SER G 30 24.62 53.85 1.39
N LEU G 31 25.18 55.04 1.19
CA LEU G 31 26.02 55.26 0.01
C LEU G 31 27.29 54.41 0.07
N THR G 32 27.93 54.33 1.24
CA THR G 32 29.15 53.53 1.35
C THR G 32 28.85 52.03 1.30
N SER G 33 27.63 51.61 1.65
CA SER G 33 27.27 50.21 1.47
C SER G 33 27.00 49.91 0.00
N MET G 34 26.32 50.82 -0.71
CA MET G 34 26.05 50.63 -2.12
C MET G 34 27.32 50.73 -2.96
N ALA G 35 28.40 51.21 -2.36
CA ALA G 35 29.67 51.34 -3.10
C ALA G 35 30.44 50.02 -3.18
N GLN G 36 30.12 49.05 -2.31
CA GLN G 36 30.91 47.78 -2.27
C GLN G 36 30.15 46.65 -2.98
N ASN G 37 29.21 46.98 -3.87
CA ASN G 37 28.48 45.94 -4.65
C ASN G 37 27.85 44.92 -3.70
N ASP G 38 27.56 45.29 -2.46
CA ASP G 38 27.07 44.27 -1.50
C ASP G 38 25.70 44.66 -0.94
N SER G 39 24.93 45.45 -1.69
CA SER G 39 23.55 45.77 -1.25
C SER G 39 22.57 45.05 -2.17
N GLU G 40 21.56 44.37 -1.63
CA GLU G 40 20.66 43.55 -2.48
C GLU G 40 19.75 44.43 -3.36
N MET G 41 19.40 45.65 -2.94
CA MET G 41 18.41 46.43 -3.74
C MET G 41 18.88 47.87 -4.02
N ILE G 42 18.73 48.35 -5.25
CA ILE G 42 19.09 49.74 -5.62
C ILE G 42 17.80 50.48 -6.00
N ARG G 43 17.62 51.70 -5.49
CA ARG G 43 16.36 52.45 -5.74
C ARG G 43 16.47 53.19 -7.07
N TYR G 44 15.34 53.37 -7.76
CA TYR G 44 15.36 54.09 -9.05
C TYR G 44 15.89 55.50 -8.80
N ASP G 45 15.39 56.15 -7.75
CA ASP G 45 15.78 57.56 -7.45
C ASP G 45 17.29 57.70 -7.37
N ALA G 46 17.97 56.73 -6.73
CA ALA G 46 19.43 56.86 -6.54
C ALA G 46 20.12 56.91 -7.90
N ILE G 47 19.65 56.10 -8.86
CA ILE G 47 20.34 56.04 -10.18
C ILE G 47 20.30 57.43 -10.82
N ASP G 48 19.14 58.09 -10.82
CA ASP G 48 19.05 59.38 -11.55
C ASP G 48 19.96 60.42 -10.89
N LYS G 49 19.96 60.50 -9.56
CA LYS G 49 20.76 61.56 -8.89
C LYS G 49 22.23 61.34 -9.18
N LEU G 50 22.72 60.11 -9.02
CA LEU G 50 24.17 59.83 -9.19
C LEU G 50 24.57 59.97 -10.66
N CYS G 51 23.70 59.51 -11.57
CA CYS G 51 24.02 59.57 -13.03
C CYS G 51 24.18 61.03 -13.45
N SER G 52 23.31 61.91 -12.95
CA SER G 52 23.36 63.35 -13.34
C SER G 52 24.60 64.00 -12.70
N TYR G 53 24.83 63.75 -11.42
CA TYR G 53 25.97 64.39 -10.70
C TYR G 53 27.30 64.04 -11.37
N LEU G 54 27.48 62.78 -11.78
CA LEU G 54 28.77 62.35 -12.37
C LEU G 54 28.70 62.47 -13.90
N HIS G 55 27.60 62.99 -14.43
CA HIS G 55 27.42 63.12 -15.90
C HIS G 55 27.76 61.80 -16.57
N ILE G 56 27.11 60.70 -16.14
CA ILE G 56 27.40 59.35 -16.71
C ILE G 56 26.08 58.73 -17.19
N SER G 57 26.12 57.94 -18.27
CA SER G 57 24.91 57.23 -18.75
C SER G 57 24.60 56.07 -17.80
N PRO G 58 23.33 55.57 -17.70
CA PRO G 58 23.03 54.41 -16.86
C PRO G 58 23.83 53.20 -17.36
N SER G 59 24.07 53.12 -18.66
CA SER G 59 24.82 51.98 -19.25
C SER G 59 26.22 51.89 -18.63
N GLU G 60 26.88 53.04 -18.45
CA GLU G 60 28.22 53.06 -17.81
C GLU G 60 28.10 52.57 -16.37
N PHE G 61 27.02 52.96 -15.67
CA PHE G 61 26.86 52.61 -14.23
C PHE G 61 26.75 51.09 -14.04
N PHE G 62 26.03 50.38 -14.93
CA PHE G 62 25.80 48.93 -14.72
C PHE G 62 26.65 48.08 -15.68
N GLU G 63 27.30 47.03 -15.16
CA GLU G 63 28.08 46.11 -16.03
C GLU G 63 27.40 44.74 -16.00
N HIS G 64 27.05 44.18 -17.16
CA HIS G 64 26.29 42.90 -17.18
C HIS G 64 26.99 41.86 -18.07
N ASN G 65 26.92 40.58 -17.69
CA ASN G 65 27.51 39.48 -18.50
C ASN G 65 26.53 38.31 -18.46
N PRO G 66 26.23 37.63 -19.59
CA PRO G 66 25.22 36.56 -19.61
C PRO G 66 25.49 35.34 -18.72
N ILE G 67 26.74 34.92 -18.57
CA ILE G 67 27.05 33.68 -17.80
C ILE G 67 26.55 33.81 -16.36
N ASN G 68 25.92 32.76 -15.82
CA ASN G 68 25.43 32.78 -14.42
C ASN G 68 25.90 31.50 -13.71
N PHE G 69 26.53 31.64 -12.55
CA PHE G 69 27.07 30.47 -11.82
C PHE G 69 26.18 30.18 -10.62
N ASP G 70 25.67 28.95 -10.49
CA ASP G 70 24.82 28.58 -9.33
C ASP G 70 25.54 27.49 -8.53
N PHE G 71 25.69 27.69 -7.22
CA PHE G 71 26.45 26.71 -6.40
C PHE G 71 25.50 26.01 -5.43
N THR G 72 25.50 24.67 -5.43
CA THR G 72 24.64 23.90 -4.50
C THR G 72 25.55 23.09 -3.58
N PHE G 73 25.35 23.17 -2.26
CA PHE G 73 26.27 22.48 -1.31
C PHE G 73 25.77 21.10 -0.94
N ASP G 74 26.69 20.21 -0.55
CA ASP G 74 26.32 18.81 -0.19
C ASP G 74 25.44 18.81 1.06
N GLU G 75 24.59 17.80 1.22
CA GLU G 75 23.65 17.76 2.36
C GLU G 75 24.15 16.74 3.39
N GLU G 76 25.14 15.92 3.01
CA GLU G 76 25.67 14.88 3.93
C GLU G 76 27.20 14.98 3.96
N PRO G 77 27.81 15.77 4.89
CA PRO G 77 29.26 15.94 4.88
C PRO G 77 29.97 15.00 5.86
N ASN G 78 31.26 14.72 5.61
CA ASN G 78 32.05 13.84 6.51
C ASN G 78 32.76 14.71 7.56
N TYR G 79 32.08 15.01 8.68
CA TYR G 79 32.69 15.94 9.67
C TYR G 79 33.25 15.17 10.87
N LYS G 80 34.51 15.42 11.22
CA LYS G 80 35.14 14.77 12.40
C LYS G 80 35.85 15.83 13.23
N ILE G 81 35.35 16.12 14.43
CA ILE G 81 35.93 17.24 15.26
C ILE G 81 36.54 16.66 16.55
N ASN G 82 37.81 16.97 16.84
CA ASN G 82 38.43 16.53 18.11
C ASN G 82 38.24 17.62 19.17
N ASP G 83 37.58 17.28 20.28
CA ASP G 83 37.30 18.30 21.33
C ASP G 83 38.53 18.47 22.23
N VAL G 84 38.83 19.71 22.62
CA VAL G 84 40.04 19.99 23.45
C VAL G 84 39.59 20.79 24.67
N PHE G 85 39.85 20.27 25.88
CA PHE G 85 39.33 20.94 27.10
C PHE G 85 40.40 21.82 27.74
N GLU G 86 41.42 22.24 26.98
CA GLU G 86 42.44 23.15 27.55
C GLU G 86 42.74 24.30 26.58
N ALA G 92 39.48 34.78 23.30
CA ALA G 92 39.52 33.31 23.21
C ALA G 92 40.34 32.88 21.99
N ASN G 93 40.97 31.70 22.05
CA ASN G 93 41.70 31.18 20.87
C ASN G 93 40.95 29.94 20.38
N ILE G 94 40.34 30.02 19.19
CA ILE G 94 39.53 28.88 18.66
C ILE G 94 40.37 27.62 18.65
N THR G 95 41.67 27.73 18.35
CA THR G 95 42.54 26.54 18.22
C THR G 95 42.52 25.74 19.53
N HIS G 96 41.98 26.32 20.59
CA HIS G 96 41.99 25.63 21.91
C HIS G 96 40.64 24.96 22.14
N ALA G 97 39.56 25.61 21.67
CA ALA G 97 38.21 25.03 21.84
C ALA G 97 38.09 23.75 20.99
N PHE G 98 38.08 23.88 19.65
CA PHE G 98 37.87 22.68 18.79
C PHE G 98 38.94 22.60 17.70
N SER G 99 39.36 21.38 17.37
CA SER G 99 40.33 21.16 16.26
C SER G 99 39.70 20.20 15.26
N ILE G 100 39.80 20.51 13.96
CA ILE G 100 39.11 19.68 12.92
C ILE G 100 40.03 18.55 12.45
N GLU G 101 39.52 17.31 12.42
CA GLU G 101 40.34 16.20 11.86
C GLU G 101 40.15 16.16 10.35
N ASN G 102 38.96 15.77 9.88
CA ASN G 102 38.71 15.78 8.41
C ASN G 102 37.28 16.28 8.13
N PHE G 103 37.14 17.18 7.15
CA PHE G 103 35.83 17.76 6.78
C PHE G 103 35.71 17.74 5.25
N ASP G 104 35.04 16.72 4.70
CA ASP G 104 34.93 16.59 3.22
C ASP G 104 33.47 16.65 2.78
N PHE G 105 33.16 17.46 1.77
CA PHE G 105 31.77 17.55 1.23
C PHE G 105 31.86 17.87 -0.27
N GLU G 106 30.75 17.82 -1.00
CA GLU G 106 30.83 18.03 -2.47
C GLU G 106 30.14 19.35 -2.86
N ILE G 107 30.76 20.11 -3.75
CA ILE G 107 30.12 21.38 -4.25
C ILE G 107 29.71 21.14 -5.69
N LEU G 108 28.44 21.40 -6.02
CA LEU G 108 27.94 21.18 -7.40
C LEU G 108 27.80 22.54 -8.07
N VAL G 109 28.43 22.71 -9.24
CA VAL G 109 28.40 24.03 -9.95
C VAL G 109 27.65 23.85 -11.27
N ASP G 110 26.80 24.82 -11.62
CA ASP G 110 25.98 24.68 -12.86
C ASP G 110 26.12 25.93 -13.73
N VAL G 111 27.21 26.03 -14.49
CA VAL G 111 27.42 27.20 -15.38
C VAL G 111 26.28 27.22 -16.39
N GLU G 112 25.64 28.38 -16.58
CA GLU G 112 24.55 28.50 -17.58
C GLU G 112 25.04 29.41 -18.70
N LEU G 113 25.27 28.87 -19.90
CA LEU G 113 25.86 29.69 -20.99
C LEU G 113 24.83 30.69 -21.54
N ASP G 114 25.27 31.54 -22.48
CA ASP G 114 24.34 32.54 -23.10
C ASP G 114 23.23 31.78 -23.82
N ASN G 115 23.57 30.69 -24.50
CA ASN G 115 22.53 29.85 -25.16
C ASN G 115 21.81 29.06 -24.07
N ARG G 116 20.64 28.49 -24.38
CA ARG G 116 19.84 27.78 -23.36
C ARG G 116 20.64 26.60 -22.81
N GLN G 117 21.57 26.05 -23.61
CA GLN G 117 22.36 24.87 -23.19
C GLN G 117 23.09 25.17 -21.88
N LYS G 118 23.06 24.23 -20.93
CA LYS G 118 23.72 24.41 -19.62
C LYS G 118 24.80 23.34 -19.44
N LEU G 119 26.02 23.73 -19.05
CA LEU G 119 27.10 22.74 -18.77
C LEU G 119 27.17 22.49 -17.26
N ASN G 120 27.66 21.33 -16.84
CA ASN G 120 27.71 20.97 -15.40
C ASN G 120 29.13 20.56 -14.99
N PHE G 121 29.62 21.08 -13.86
CA PHE G 121 30.95 20.67 -13.34
C PHE G 121 30.80 20.32 -11.86
N ASP G 122 31.56 19.34 -11.36
CA ASP G 122 31.45 18.90 -9.94
C ASP G 122 32.80 19.10 -9.23
N LEU G 123 32.78 19.66 -8.02
CA LEU G 123 34.04 19.95 -7.29
C LEU G 123 34.02 19.28 -5.91
N ASP G 124 35.17 18.77 -5.45
CA ASP G 124 35.26 18.16 -4.09
C ASP G 124 36.15 19.07 -3.23
N VAL G 125 35.73 19.37 -1.99
CA VAL G 125 36.50 20.32 -1.13
C VAL G 125 36.95 19.62 0.15
N SER G 126 38.20 19.83 0.57
CA SER G 126 38.74 19.16 1.78
C SER G 126 39.40 20.17 2.71
N TYR G 127 39.38 19.91 4.02
CA TYR G 127 40.02 20.83 5.02
C TYR G 127 41.54 20.71 4.90
N LYS G 128 42.26 21.83 5.08
CA LYS G 128 43.74 21.81 4.97
C LYS G 128 44.36 22.21 6.30
N GLU G 129 43.96 23.34 6.87
CA GLU G 129 44.63 23.80 8.12
C GLU G 129 43.94 25.03 8.69
N THR G 130 44.56 25.67 9.68
CA THR G 130 44.00 26.92 10.24
C THR G 130 45.07 28.01 10.12
N ARG G 139 40.52 31.96 10.25
CA ARG G 139 40.32 31.62 8.82
C ARG G 139 40.59 30.14 8.57
N PHE G 140 39.55 29.30 8.64
CA PHE G 140 39.71 27.86 8.33
C PHE G 140 39.90 27.74 6.81
N ILE G 141 41.14 27.51 6.36
CA ILE G 141 41.40 27.50 4.89
C ILE G 141 41.11 26.11 4.32
N PHE G 142 40.24 26.01 3.31
CA PHE G 142 39.95 24.71 2.64
C PHE G 142 40.60 24.71 1.27
N THR G 143 40.65 23.56 0.60
CA THR G 143 41.20 23.49 -0.78
C THR G 143 40.45 22.42 -1.58
N ILE G 144 40.47 22.50 -2.91
CA ILE G 144 39.67 21.53 -3.74
C ILE G 144 40.57 20.36 -4.18
N LYS G 145 40.10 19.13 -3.98
CA LYS G 145 40.91 17.93 -4.32
C LYS G 145 41.14 17.86 -5.83
N ASN G 146 40.07 17.83 -6.63
CA ASN G 146 40.23 17.63 -8.10
C ASN G 146 40.25 18.99 -8.81
N GLU G 147 41.41 19.36 -9.38
CA GLU G 147 41.49 20.62 -10.17
C GLU G 147 41.47 20.26 -11.66
N ASP G 148 41.43 18.97 -11.99
CA ASP G 148 41.41 18.51 -13.41
C ASP G 148 40.39 17.39 -13.57
N ASN G 150 37.71 18.92 -14.66
CA ASN G 150 37.21 20.06 -13.85
C ASN G 150 37.99 21.33 -14.22
N ILE G 151 38.67 21.31 -15.37
CA ILE G 151 39.41 22.52 -15.83
C ILE G 151 38.42 23.38 -16.64
N GLY G 152 37.31 22.78 -17.07
CA GLY G 152 36.32 23.52 -17.89
C GLY G 152 35.74 24.68 -17.12
N LEU G 153 35.52 24.48 -15.81
CA LEU G 153 34.99 25.58 -14.95
C LEU G 153 36.00 26.72 -14.97
N LYS G 154 37.29 26.42 -14.85
CA LYS G 154 38.32 27.48 -14.78
C LYS G 154 38.31 28.27 -16.10
N LYS G 155 38.32 27.58 -17.24
CA LYS G 155 38.39 28.29 -18.53
C LYS G 155 37.32 29.38 -18.53
N TYR G 156 36.14 29.09 -17.97
CA TYR G 156 35.00 30.06 -18.00
C TYR G 156 35.22 31.21 -17.02
N VAL G 157 35.80 30.93 -15.85
CA VAL G 157 35.98 31.99 -14.80
C VAL G 157 36.90 33.07 -15.38
N ASP G 158 37.91 32.67 -16.15
CA ASP G 158 38.86 33.64 -16.76
C ASP G 158 38.10 34.60 -17.69
N SER G 159 37.08 34.11 -18.39
CA SER G 159 36.34 34.94 -19.37
C SER G 159 35.69 36.14 -18.67
N LEU G 160 35.21 35.96 -17.44
CA LEU G 160 34.52 37.07 -16.71
C LEU G 160 35.50 38.24 -16.53
N SER G 161 35.00 39.47 -16.58
CA SER G 161 35.87 40.69 -16.47
C SER G 161 36.52 40.79 -15.09
N ALA G 162 37.38 41.80 -14.89
CA ALA G 162 38.13 41.89 -13.61
C ALA G 162 37.18 42.05 -12.43
N GLY G 163 36.22 42.97 -12.52
CA GLY G 163 35.33 43.26 -11.39
C GLY G 163 34.35 42.13 -11.12
N LEU G 164 33.70 41.60 -12.16
CA LEU G 164 32.67 40.54 -11.96
C LEU G 164 33.32 39.31 -11.34
N LYS G 165 34.54 38.98 -11.75
CA LYS G 165 35.25 37.79 -11.20
C LYS G 165 35.46 37.97 -9.70
N ASN G 166 35.83 39.19 -9.27
CA ASN G 166 36.01 39.46 -7.82
C ASN G 166 34.68 39.25 -7.09
N LEU G 167 33.58 39.71 -7.70
CA LEU G 167 32.24 39.58 -7.06
C LEU G 167 31.91 38.09 -6.88
N LEU G 168 32.19 37.27 -7.90
CA LEU G 168 31.87 35.82 -7.83
C LEU G 168 32.71 35.21 -6.70
N PHE G 169 33.97 35.61 -6.58
CA PHE G 169 34.87 35.03 -5.55
C PHE G 169 34.31 35.36 -4.17
N LYS G 170 33.82 36.60 -3.99
CA LYS G 170 33.27 37.01 -2.67
C LYS G 170 32.04 36.13 -2.37
N LYS G 171 31.20 35.88 -3.38
CA LYS G 171 29.95 35.11 -3.12
C LYS G 171 30.28 33.70 -2.65
N ILE G 172 31.22 33.02 -3.32
CA ILE G 172 31.52 31.60 -2.94
C ILE G 172 32.15 31.58 -1.54
N ASN G 173 33.07 32.52 -1.26
CA ASN G 173 33.75 32.53 0.06
C ASN G 173 32.72 32.70 1.17
N GLN G 174 31.73 33.58 0.97
CA GLN G 174 30.73 33.84 2.04
C GLN G 174 29.89 32.59 2.24
N LYS G 175 29.42 31.97 1.15
CA LYS G 175 28.53 30.80 1.27
C LYS G 175 29.29 29.64 1.93
N LEU G 176 30.55 29.42 1.52
CA LEU G 176 31.36 28.34 2.12
C LEU G 176 31.35 28.56 3.64
N SER G 177 31.65 29.79 4.07
CA SER G 177 31.66 30.09 5.52
C SER G 177 30.31 29.67 6.10
N GLY G 178 29.22 29.94 5.38
CA GLY G 178 27.88 29.60 5.88
C GLY G 178 27.77 28.12 6.19
N TYR G 179 28.16 27.27 5.23
CA TYR G 179 27.99 25.81 5.45
C TYR G 179 28.92 25.38 6.57
N VAL G 180 30.18 25.83 6.55
CA VAL G 180 31.15 25.35 7.56
C VAL G 180 30.72 25.83 8.94
N SER G 181 30.80 27.14 9.19
CA SER G 181 30.49 27.66 10.54
C SER G 181 29.26 26.93 11.11
N GLU G 182 28.17 26.89 10.35
CA GLU G 182 26.92 26.28 10.89
C GLU G 182 27.20 24.86 11.40
N ILE G 183 27.81 24.02 10.58
CA ILE G 183 28.02 22.61 11.00
C ILE G 183 28.81 22.60 12.30
N ILE G 184 29.95 23.29 12.36
CA ILE G 184 30.82 23.22 13.57
C ILE G 184 30.06 23.71 14.79
N VAL G 185 29.43 24.89 14.73
CA VAL G 185 28.75 25.46 15.92
C VAL G 185 27.58 24.56 16.33
N LYS G 186 26.96 23.84 15.39
CA LYS G 186 25.77 23.02 15.74
C LYS G 186 26.20 21.64 16.24
N ASN G 187 27.50 21.42 16.43
CA ASN G 187 27.98 20.06 16.81
C ASN G 187 28.83 20.12 18.10
N ILE G 188 29.47 21.27 18.36
CA ILE G 188 30.35 21.41 19.57
C ILE G 188 29.71 22.42 20.52
N ASP G 189 29.66 22.08 21.82
CA ASP G 189 29.08 23.01 22.84
C ASP G 189 29.55 24.44 22.55
N ILE G 191 29.94 26.77 26.14
CA ILE G 191 31.09 27.33 26.90
C ILE G 191 30.99 28.86 26.88
N GLU G 192 31.31 29.52 28.01
CA GLU G 192 31.23 31.00 28.10
C GLU G 192 32.38 31.53 28.95
N GLU G 193 33.09 32.55 28.46
CA GLU G 193 34.18 33.19 29.26
C GLU G 193 34.18 34.69 28.97
N THR G 203 31.21 37.35 24.80
CA THR G 203 31.69 36.67 23.55
C THR G 203 32.06 35.22 23.87
N THR G 204 31.10 34.31 23.75
CA THR G 204 31.35 32.88 24.05
C THR G 204 31.94 32.20 22.82
N LEU G 205 32.11 30.87 22.87
CA LEU G 205 32.62 30.12 21.70
C LEU G 205 31.63 30.26 20.54
N HIS G 206 30.33 30.11 20.81
CA HIS G 206 29.31 30.19 19.74
C HIS G 206 29.38 31.56 19.07
N LYS G 207 29.55 32.62 19.85
CA LYS G 207 29.57 34.00 19.29
C LYS G 207 30.89 34.23 18.55
N GLU G 208 31.87 33.35 18.75
CA GLU G 208 33.16 33.49 18.01
C GLU G 208 33.09 32.74 16.67
N ILE G 209 32.65 31.47 16.67
CA ILE G 209 32.66 30.66 15.42
C ILE G 209 31.80 31.35 14.36
N LEU G 210 30.59 31.81 14.71
CA LEU G 210 29.69 32.41 13.71
C LEU G 210 30.42 33.57 13.02
N GLN G 211 31.22 34.32 13.77
CA GLN G 211 31.99 35.44 13.19
C GLN G 211 33.13 34.89 12.32
N THR G 212 33.78 33.81 12.75
CA THR G 212 34.91 33.22 11.98
C THR G 212 34.49 33.00 10.52
N ASP G 213 35.43 33.08 9.59
CA ASP G 213 35.10 32.92 8.14
C ASP G 213 35.85 31.72 7.56
N SER G 214 35.95 31.64 6.23
CA SER G 214 36.68 30.53 5.57
C SER G 214 36.95 30.90 4.11
N ARG G 215 37.96 30.31 3.48
CA ARG G 215 38.32 30.73 2.09
C ARG G 215 38.73 29.52 1.26
N LEU G 216 38.23 29.44 0.03
CA LEU G 216 38.55 28.30 -0.85
C LEU G 216 39.72 28.72 -1.74
N SER G 217 40.92 28.23 -1.44
CA SER G 217 42.12 28.67 -2.20
C SER G 217 42.47 27.64 -3.27
N SER G 218 42.43 28.03 -4.54
CA SER G 218 42.82 27.11 -5.64
C SER G 218 42.94 27.93 -6.93
N ASP G 219 43.61 27.37 -7.94
CA ASP G 219 43.85 28.14 -9.19
C ASP G 219 42.52 28.44 -9.87
N ILE G 220 41.59 27.49 -9.88
CA ILE G 220 40.31 27.67 -10.62
C ILE G 220 39.62 28.96 -10.17
N PHE G 221 39.59 29.23 -8.87
CA PHE G 221 38.94 30.47 -8.34
C PHE G 221 40.02 31.37 -7.73
N LYS G 222 41.13 31.58 -8.45
CA LYS G 222 42.26 32.36 -7.89
C LYS G 222 41.96 33.86 -7.93
N GLU G 223 42.11 34.55 -6.80
CA GLU G 223 41.90 36.03 -6.77
C GLU G 223 43.05 36.66 -5.99
N MET H 1 14.57 61.99 -13.65
CA MET H 1 13.63 61.30 -14.52
C MET H 1 14.23 59.99 -15.03
N ILE H 2 13.75 58.88 -14.49
CA ILE H 2 14.23 57.54 -14.86
C ILE H 2 13.03 56.61 -14.98
N ARG H 3 13.04 55.76 -16.01
CA ARG H 3 11.97 54.80 -16.21
C ARG H 3 12.53 53.56 -16.90
N ASN H 4 11.81 52.45 -16.77
CA ASN H 4 12.21 51.20 -17.39
C ASN H 4 11.36 50.92 -18.63
N ARG H 5 12.01 50.39 -19.67
CA ARG H 5 11.29 50.21 -20.96
C ARG H 5 10.85 48.75 -21.13
N LEU H 6 10.49 48.10 -20.03
CA LEU H 6 10.07 46.70 -20.08
C LEU H 6 8.80 46.52 -20.90
N SER H 7 7.82 47.42 -20.71
CA SER H 7 6.52 47.26 -21.37
C SER H 7 6.66 47.32 -22.89
N GLU H 8 7.43 48.29 -23.39
CA GLU H 8 7.60 48.42 -24.83
C GLU H 8 8.30 47.20 -25.42
N LEU H 9 9.33 46.71 -24.73
CA LEU H 9 10.04 45.52 -25.22
C LEU H 9 9.12 44.30 -25.24
N LEU H 10 8.32 44.12 -24.19
CA LEU H 10 7.40 42.98 -24.15
C LEU H 10 6.36 43.09 -25.25
N SER H 11 5.86 44.30 -25.51
CA SER H 11 4.90 44.48 -26.60
C SER H 11 5.55 44.20 -27.96
N GLU H 12 6.79 44.64 -28.14
CA GLU H 12 7.47 44.46 -29.43
C GLU H 12 7.74 42.99 -29.70
N ARG H 13 8.28 42.27 -28.72
CA ARG H 13 8.63 40.87 -28.93
C ARG H 13 7.42 39.94 -28.93
N GLY H 14 6.25 40.43 -28.50
CA GLY H 14 5.05 39.62 -28.51
C GLY H 14 4.85 38.74 -27.30
N LEU H 15 5.83 38.68 -26.40
CA LEU H 15 5.70 37.86 -25.20
C LEU H 15 4.66 38.46 -24.26
N LYS H 16 4.02 37.59 -23.49
CA LYS H 16 3.02 38.01 -22.52
C LYS H 16 3.58 37.93 -21.10
N ILE H 17 2.94 38.63 -20.18
CA ILE H 17 3.47 38.69 -18.78
C ILE H 17 3.43 37.27 -18.20
N SER H 18 2.43 36.48 -18.58
CA SER H 18 2.28 35.14 -17.95
C SER H 18 3.50 34.28 -18.23
N ARG H 19 3.96 34.23 -19.48
CA ARG H 19 5.09 33.33 -19.84
C ARG H 19 6.38 33.88 -19.24
N VAL H 20 6.57 35.21 -19.27
CA VAL H 20 7.86 35.77 -18.79
C VAL H 20 8.01 35.42 -17.31
N ALA H 21 6.94 35.52 -16.52
CA ALA H 21 7.06 35.28 -15.07
C ALA H 21 7.50 33.84 -14.81
N LYS H 22 6.90 32.87 -15.52
CA LYS H 22 7.25 31.44 -15.30
C LYS H 22 8.71 31.20 -15.68
N ASP H 23 9.16 31.74 -16.81
CA ASP H 23 10.54 31.49 -17.29
C ASP H 23 11.58 32.11 -16.36
N VAL H 24 11.35 33.34 -15.87
CA VAL H 24 12.38 34.03 -15.04
C VAL H 24 12.15 33.75 -13.55
N LYS H 25 11.11 32.97 -13.22
CA LYS H 25 10.84 32.58 -11.80
C LYS H 25 10.66 33.82 -10.91
N ILE H 26 9.97 34.85 -11.41
CA ILE H 26 9.68 36.06 -10.58
C ILE H 26 8.16 36.16 -10.41
N ALA H 27 7.67 36.38 -9.19
CA ALA H 27 6.22 36.41 -8.91
C ALA H 27 5.47 37.31 -9.90
N ARG H 28 4.24 36.94 -10.29
CA ARG H 28 3.54 37.72 -11.30
C ARG H 28 3.27 39.15 -10.83
N SER H 29 2.90 39.32 -9.56
CA SER H 29 2.55 40.65 -9.07
C SER H 29 3.74 41.60 -9.13
N SER H 30 4.92 41.12 -8.72
CA SER H 30 6.11 41.98 -8.74
C SER H 30 6.46 42.41 -10.16
N LEU H 31 6.41 41.47 -11.10
CA LEU H 31 6.71 41.80 -12.49
C LEU H 31 5.69 42.76 -13.07
N THR H 32 4.41 42.57 -12.74
CA THR H 32 3.37 43.49 -13.21
C THR H 32 3.59 44.89 -12.65
N SER H 33 3.94 44.99 -11.37
CA SER H 33 4.22 46.28 -10.77
C SER H 33 5.42 46.94 -11.43
N MET H 34 6.47 46.17 -11.69
CA MET H 34 7.67 46.71 -12.33
C MET H 34 7.42 47.15 -13.77
N ALA H 35 6.50 46.49 -14.48
CA ALA H 35 6.27 46.77 -15.89
C ALA H 35 5.51 48.07 -16.13
N GLN H 36 4.98 48.71 -15.10
CA GLN H 36 4.19 49.92 -15.26
C GLN H 36 4.80 51.12 -14.54
N ASN H 37 6.09 51.00 -14.16
CA ASN H 37 6.83 52.08 -13.52
C ASN H 37 6.13 52.55 -12.25
N ASP H 38 5.96 51.61 -11.32
CA ASP H 38 5.28 51.87 -10.06
C ASP H 38 6.19 51.63 -8.87
N SER H 39 6.89 50.50 -8.83
CA SER H 39 7.74 50.17 -7.69
C SER H 39 8.88 51.16 -7.56
N GLU H 40 9.30 51.41 -6.31
CA GLU H 40 10.35 52.36 -6.00
C GLU H 40 11.74 51.74 -6.03
N MET H 41 11.90 50.54 -5.48
CA MET H 41 13.19 49.87 -5.42
C MET H 41 13.11 48.54 -6.14
N ILE H 42 14.16 48.21 -6.90
CA ILE H 42 14.22 46.99 -7.69
C ILE H 42 15.51 46.25 -7.37
N ARG H 43 15.49 44.94 -7.60
CA ARG H 43 16.61 44.08 -7.24
C ARG H 43 17.52 43.83 -8.44
N TYR H 44 18.80 43.58 -8.14
CA TYR H 44 19.76 43.29 -9.20
C TYR H 44 19.44 41.98 -9.90
N ASP H 45 18.95 40.98 -9.14
CA ASP H 45 18.69 39.67 -9.71
C ASP H 45 17.63 39.75 -10.81
N ALA H 46 16.58 40.52 -10.59
CA ALA H 46 15.55 40.69 -11.61
C ALA H 46 16.14 41.34 -12.86
N ILE H 47 17.00 42.34 -12.66
CA ILE H 47 17.61 43.03 -13.80
C ILE H 47 18.42 42.06 -14.64
N ASP H 48 19.23 41.21 -13.96
CA ASP H 48 20.10 40.27 -14.72
C ASP H 48 19.25 39.20 -15.40
N LYS H 49 18.28 38.61 -14.69
CA LYS H 49 17.49 37.50 -15.29
C LYS H 49 16.72 38.03 -16.50
N LEU H 50 16.07 39.19 -16.37
CA LEU H 50 15.26 39.75 -17.48
C LEU H 50 16.17 40.10 -18.65
N CYS H 51 17.33 40.70 -18.39
CA CYS H 51 18.22 41.12 -19.50
C CYS H 51 18.70 39.90 -20.29
N SER H 52 19.10 38.84 -19.59
CA SER H 52 19.59 37.61 -20.27
C SER H 52 18.45 36.96 -21.05
N TYR H 53 17.25 36.90 -20.48
CA TYR H 53 16.10 36.23 -21.15
C TYR H 53 15.76 36.96 -22.44
N LEU H 54 15.81 38.29 -22.42
CA LEU H 54 15.43 39.08 -23.63
C LEU H 54 16.68 39.40 -24.45
N HIS H 55 17.86 38.88 -24.06
CA HIS H 55 19.08 39.10 -24.89
C HIS H 55 19.34 40.59 -25.11
N ILE H 56 19.20 41.41 -24.08
CA ILE H 56 19.39 42.89 -24.21
C ILE H 56 20.38 43.40 -23.16
N SER H 57 21.30 44.29 -23.54
CA SER H 57 22.18 44.93 -22.58
C SER H 57 21.40 45.93 -21.73
N PRO H 58 21.89 46.28 -20.54
CA PRO H 58 21.19 47.25 -19.70
C PRO H 58 21.05 48.62 -20.34
N SER H 59 21.73 48.88 -21.46
CA SER H 59 21.57 50.17 -22.14
C SER H 59 20.14 50.38 -22.61
N GLU H 60 19.54 49.34 -23.22
CA GLU H 60 18.18 49.45 -23.71
C GLU H 60 17.15 49.38 -22.59
N PHE H 61 17.48 48.68 -21.50
CA PHE H 61 16.52 48.51 -20.41
C PHE H 61 16.19 49.84 -19.75
N PHE H 62 17.20 50.69 -19.55
CA PHE H 62 17.03 51.94 -18.82
C PHE H 62 17.08 53.11 -19.80
N GLU H 63 16.13 54.04 -19.64
CA GLU H 63 16.11 55.29 -20.40
C GLU H 63 16.17 56.45 -19.40
N HIS H 64 17.17 57.30 -19.57
CA HIS H 64 17.43 58.38 -18.62
C HIS H 64 17.60 59.70 -19.34
N ASN H 65 17.17 60.77 -18.67
CA ASN H 65 17.30 62.14 -19.17
C ASN H 65 17.79 63.03 -18.04
N PRO H 66 18.91 63.73 -18.22
CA PRO H 66 19.48 64.51 -17.11
C PRO H 66 18.58 65.61 -16.57
N ILE H 67 17.63 66.10 -17.37
CA ILE H 67 16.72 67.13 -16.91
C ILE H 67 15.84 66.57 -15.79
N ASN H 68 15.73 67.33 -14.69
CA ASN H 68 14.92 66.85 -13.54
C ASN H 68 13.77 67.83 -13.32
N PHE H 69 12.73 67.42 -12.60
CA PHE H 69 11.62 68.34 -12.27
C PHE H 69 11.35 68.26 -10.77
N ASP H 70 10.98 69.39 -10.15
CA ASP H 70 10.72 69.43 -8.69
C ASP H 70 9.35 70.09 -8.47
N PHE H 71 8.60 69.61 -7.48
CA PHE H 71 7.23 70.15 -7.24
C PHE H 71 7.11 70.55 -5.76
N THR H 72 6.33 71.61 -5.49
CA THR H 72 6.18 72.12 -4.10
C THR H 72 4.73 72.55 -3.87
N PHE H 73 4.20 72.34 -2.66
CA PHE H 73 2.81 72.66 -2.39
C PHE H 73 2.69 73.50 -1.13
N VAL H 90 -27.62 59.91 2.09
CA VAL H 90 -28.71 59.51 1.15
C VAL H 90 -28.19 58.37 0.27
N THR H 91 -26.93 58.46 -0.17
CA THR H 91 -26.34 57.41 -1.06
C THR H 91 -24.82 57.42 -0.91
N ALA H 92 -24.14 56.44 -1.51
CA ALA H 92 -22.66 56.35 -1.40
C ALA H 92 -21.99 57.16 -2.51
N ASN H 93 -22.78 57.97 -3.24
CA ASN H 93 -22.21 58.74 -4.37
C ASN H 93 -21.19 59.75 -3.84
N ILE H 94 -19.99 59.78 -4.43
CA ILE H 94 -18.92 60.73 -3.98
C ILE H 94 -19.35 62.16 -4.28
N THR H 95 -19.95 62.41 -5.44
CA THR H 95 -20.28 63.81 -5.86
C THR H 95 -21.30 64.46 -4.90
N HIS H 96 -22.30 63.72 -4.43
CA HIS H 96 -23.37 64.33 -3.58
C HIS H 96 -22.92 64.42 -2.12
N ALA H 97 -21.92 63.64 -1.72
CA ALA H 97 -21.56 63.59 -0.30
C ALA H 97 -21.14 64.97 0.23
N PHE H 98 -20.34 65.66 -0.57
CA PHE H 98 -19.81 66.97 -0.11
C PHE H 98 -20.14 68.05 -1.14
N SER H 99 -20.15 69.31 -0.68
CA SER H 99 -20.41 70.45 -1.56
C SER H 99 -19.34 71.52 -1.39
N GLU H 101 -17.39 74.94 -2.34
CA GLU H 101 -17.69 76.02 -3.27
C GLU H 101 -16.56 76.22 -4.27
N ASN H 102 -15.35 76.39 -3.75
CA ASN H 102 -14.18 76.59 -4.60
C ASN H 102 -12.94 76.12 -3.86
N PHE H 105 -5.39 77.17 -4.03
CA PHE H 105 -4.05 76.54 -3.86
C PHE H 105 -3.17 76.90 -5.06
N GLU H 106 -1.86 77.08 -4.83
CA GLU H 106 -0.92 77.34 -5.97
C GLU H 106 0.13 76.23 -6.01
N ILE H 107 0.73 75.99 -7.18
CA ILE H 107 1.75 74.90 -7.32
C ILE H 107 3.10 75.54 -7.69
N LEU H 108 4.12 75.36 -6.84
CA LEU H 108 5.45 75.93 -7.14
C LEU H 108 6.29 74.85 -7.82
N VAL H 109 6.51 74.98 -9.14
CA VAL H 109 7.25 73.95 -9.91
C VAL H 109 8.63 74.50 -10.27
N ASP H 110 9.63 73.64 -10.40
CA ASP H 110 10.98 74.09 -10.82
C ASP H 110 11.36 73.34 -12.09
N VAL H 111 12.43 73.77 -12.78
CA VAL H 111 12.90 72.99 -13.95
C VAL H 111 14.42 72.90 -13.87
N GLU H 112 14.94 72.27 -12.82
CA GLU H 112 16.41 72.18 -12.60
C GLU H 112 17.10 71.51 -13.79
N LEU H 113 17.84 72.27 -14.58
CA LEU H 113 18.56 71.73 -15.77
C LEU H 113 19.88 71.06 -15.37
N ASP H 114 20.48 70.27 -16.28
CA ASP H 114 21.73 69.51 -15.99
C ASP H 114 22.96 70.40 -15.79
N ASN H 115 22.95 71.62 -16.31
CA ASN H 115 24.15 72.50 -16.26
C ASN H 115 24.20 73.24 -14.92
N ARG H 116 23.28 72.92 -14.00
CA ARG H 116 23.19 73.59 -12.67
C ARG H 116 22.48 74.93 -12.88
N GLN H 117 21.90 75.13 -14.06
CA GLN H 117 21.17 76.38 -14.36
C GLN H 117 19.76 76.24 -13.82
N LYS H 118 19.60 76.27 -12.50
CA LYS H 118 18.26 76.08 -11.89
C LYS H 118 17.38 77.24 -12.36
N LEU H 119 16.14 76.94 -12.74
CA LEU H 119 15.19 77.99 -13.16
C LEU H 119 13.95 77.86 -12.28
N ASN H 120 13.14 78.92 -12.18
CA ASN H 120 11.95 78.89 -11.29
C ASN H 120 10.69 79.26 -12.09
N PHE H 121 9.61 78.51 -11.90
CA PHE H 121 8.32 78.81 -12.59
C PHE H 121 7.19 78.81 -11.57
N ASP H 122 6.18 79.67 -11.76
CA ASP H 122 5.04 79.73 -10.81
C ASP H 122 3.73 79.48 -11.55
N LEU H 123 2.90 78.60 -11.02
CA LEU H 123 1.56 78.35 -11.63
C LEU H 123 0.50 78.35 -10.52
N ASP H 124 -0.53 79.18 -10.68
CA ASP H 124 -1.64 79.20 -9.67
C ASP H 124 -2.88 78.59 -10.34
N SER H 126 -6.95 77.18 -9.64
CA SER H 126 -8.12 77.03 -8.73
C SER H 126 -9.10 76.01 -9.33
N TYR H 127 -10.09 75.57 -8.55
CA TYR H 127 -11.01 74.51 -9.05
C TYR H 127 -11.88 75.13 -10.15
N LYS H 128 -11.94 74.46 -11.30
CA LYS H 128 -12.73 75.00 -12.44
C LYS H 128 -14.05 74.24 -12.56
N GLU H 129 -14.01 72.91 -12.49
CA GLU H 129 -15.25 72.11 -12.70
C GLU H 129 -15.04 70.66 -12.29
N THR H 130 -16.10 69.85 -12.33
CA THR H 130 -16.02 68.39 -12.01
C THR H 130 -16.60 67.59 -13.18
N GLU H 131 -15.84 66.62 -13.71
CA GLU H 131 -16.37 65.74 -14.79
C GLU H 131 -16.16 64.27 -14.40
N LYS H 132 -17.23 63.47 -14.38
CA LYS H 132 -17.07 62.01 -14.10
C LYS H 132 -17.46 61.22 -15.34
N ILE H 133 -16.47 60.71 -16.08
CA ILE H 133 -16.76 59.91 -17.32
C ILE H 133 -17.70 58.76 -16.94
N THR H 134 -17.47 58.13 -15.79
CA THR H 134 -18.30 56.98 -15.36
C THR H 134 -18.72 57.15 -13.90
N ASN H 135 -19.75 56.43 -13.46
CA ASN H 135 -20.14 56.48 -12.03
C ASN H 135 -18.97 55.91 -11.19
N SER H 136 -18.29 54.88 -11.70
CA SER H 136 -17.20 54.23 -10.95
C SER H 136 -16.04 55.21 -10.69
N GLN H 137 -15.69 56.03 -11.69
CA GLN H 137 -14.52 56.94 -11.51
C GLN H 137 -14.98 58.39 -11.55
N HIS H 138 -14.71 59.15 -10.47
CA HIS H 138 -15.04 60.61 -10.47
C HIS H 138 -13.75 61.40 -10.66
N ARG H 139 -13.77 62.39 -11.56
CA ARG H 139 -12.56 63.22 -11.80
C ARG H 139 -12.89 64.70 -11.55
N PHE H 140 -12.04 65.40 -10.81
CA PHE H 140 -12.26 66.87 -10.63
C PHE H 140 -11.28 67.56 -11.59
N ILE H 141 -11.80 68.33 -12.53
CA ILE H 141 -10.89 68.94 -13.55
C ILE H 141 -10.38 70.27 -13.03
N PHE H 142 -9.23 70.28 -12.36
CA PHE H 142 -8.63 71.54 -11.83
C PHE H 142 -7.81 72.21 -12.93
N THR H 143 -8.46 72.77 -13.94
CA THR H 143 -7.71 73.37 -15.07
C THR H 143 -6.83 74.51 -14.56
N ILE H 144 -5.61 74.64 -15.11
CA ILE H 144 -4.66 75.69 -14.64
C ILE H 144 -5.13 77.07 -15.11
N LYS H 145 -4.86 78.11 -14.34
CA LYS H 145 -5.28 79.48 -14.71
C LYS H 145 -4.25 80.08 -15.67
N ASN H 146 -3.24 79.29 -16.06
CA ASN H 146 -2.18 79.78 -17.00
C ASN H 146 -1.58 81.09 -16.47
N GLU H 147 -1.36 81.19 -15.15
CA GLU H 147 -0.74 82.40 -14.55
C GLU H 147 0.42 82.87 -15.43
N GLU H 149 3.87 79.52 -17.63
CA GLU H 149 4.75 80.45 -18.40
C GLU H 149 5.16 79.77 -19.71
N ASN H 150 4.50 80.11 -20.83
CA ASN H 150 4.82 79.51 -22.14
C ASN H 150 6.18 80.02 -22.61
N ILE H 151 7.23 79.23 -22.43
CA ILE H 151 8.59 79.62 -22.90
C ILE H 151 9.11 78.50 -23.80
N LEU H 153 8.82 76.54 -19.52
CA LEU H 153 8.22 75.31 -18.93
C LEU H 153 7.63 74.44 -20.04
N LYS H 154 6.70 74.97 -20.82
CA LYS H 154 6.03 74.14 -21.85
C LYS H 154 7.05 73.65 -22.89
N LYS H 155 7.95 74.52 -23.37
CA LYS H 155 9.00 74.06 -24.31
C LYS H 155 9.77 72.90 -23.67
N TYR H 156 10.10 73.03 -22.39
CA TYR H 156 10.88 71.97 -21.68
C TYR H 156 10.12 70.64 -21.71
N VAL H 157 8.84 70.66 -21.31
CA VAL H 157 8.03 69.41 -21.25
C VAL H 157 7.97 68.79 -22.64
N ASP H 158 8.02 69.62 -23.69
CA ASP H 158 7.92 69.10 -25.08
C ASP H 158 9.15 68.25 -25.42
N SER H 159 10.36 68.71 -25.09
CA SER H 159 11.59 67.97 -25.48
C SER H 159 11.58 66.53 -24.93
N LEU H 160 10.98 66.30 -23.77
CA LEU H 160 10.96 64.99 -23.14
C LEU H 160 10.34 63.95 -24.07
N SER H 161 10.73 62.69 -23.87
CA SER H 161 10.13 61.61 -24.65
C SER H 161 8.73 61.30 -24.14
N ALA H 162 8.07 60.36 -24.82
CA ALA H 162 6.69 60.04 -24.50
C ALA H 162 6.57 59.41 -23.11
N GLY H 163 7.37 58.40 -22.83
CA GLY H 163 7.29 57.68 -21.57
C GLY H 163 7.59 58.52 -20.35
N LEU H 164 8.65 59.32 -20.42
CA LEU H 164 8.99 60.20 -19.31
C LEU H 164 7.91 61.23 -19.08
N LYS H 165 7.33 61.77 -20.16
CA LYS H 165 6.23 62.72 -20.02
C LYS H 165 5.02 62.08 -19.36
N ASN H 166 4.69 60.84 -19.76
CA ASN H 166 3.57 60.12 -19.14
C ASN H 166 3.85 59.88 -17.66
N LEU H 167 5.10 59.54 -17.33
CA LEU H 167 5.47 59.34 -15.92
C LEU H 167 5.31 60.63 -15.13
N LEU H 168 5.70 61.77 -15.73
CA LEU H 168 5.53 63.06 -15.07
C LEU H 168 4.06 63.35 -14.83
N PHE H 169 3.21 63.12 -15.84
CA PHE H 169 1.77 63.30 -15.67
C PHE H 169 1.25 62.43 -14.53
N LYS H 170 1.62 61.15 -14.51
CA LYS H 170 1.13 60.25 -13.48
C LYS H 170 1.57 60.71 -12.09
N LYS H 171 2.83 61.11 -11.95
CA LYS H 171 3.35 61.52 -10.65
C LYS H 171 2.63 62.78 -10.15
N ILE H 172 2.49 63.79 -11.01
CA ILE H 172 1.85 65.03 -10.58
C ILE H 172 0.39 64.77 -10.25
N ASN H 173 -0.30 63.96 -11.06
CA ASN H 173 -1.70 63.64 -10.77
C ASN H 173 -1.83 62.92 -9.44
N GLN H 174 -0.97 61.94 -9.19
CA GLN H 174 -1.05 61.18 -7.95
C GLN H 174 -0.83 62.09 -6.75
N LYS H 175 0.21 62.92 -6.79
CA LYS H 175 0.51 63.76 -5.63
C LYS H 175 -0.58 64.79 -5.38
N LEU H 176 -1.09 65.43 -6.45
CA LEU H 176 -2.10 66.47 -6.24
C LEU H 176 -3.43 65.86 -5.82
N SER H 177 -3.74 64.68 -6.38
CA SER H 177 -4.97 63.97 -5.96
C SER H 177 -4.85 63.66 -4.47
N GLY H 178 -3.72 63.10 -4.06
CA GLY H 178 -3.53 62.78 -2.66
C GLY H 178 -3.73 63.99 -1.76
N TYR H 179 -3.16 65.13 -2.16
CA TYR H 179 -3.33 66.35 -1.37
C TYR H 179 -4.79 66.77 -1.30
N VAL H 180 -5.48 66.70 -2.45
CA VAL H 180 -6.89 67.12 -2.51
C VAL H 180 -7.75 66.20 -1.64
N SER H 181 -7.48 64.90 -1.69
CA SER H 181 -8.24 63.98 -0.80
C SER H 181 -7.70 64.11 0.63
N ILE H 183 -7.29 67.06 1.95
CA ILE H 183 -8.07 68.24 2.33
C ILE H 183 -9.53 67.88 2.56
N ILE H 184 -10.11 67.13 1.61
CA ILE H 184 -11.54 66.75 1.73
C ILE H 184 -11.75 65.96 3.02
N VAL H 185 -10.91 64.93 3.24
CA VAL H 185 -11.11 64.10 4.42
C VAL H 185 -10.90 64.93 5.68
N ILE H 209 -14.18 58.79 -2.03
CA ILE H 209 -13.49 59.93 -1.35
C ILE H 209 -11.98 59.81 -1.62
N LEU H 210 -11.44 58.60 -1.53
CA LEU H 210 -10.00 58.37 -1.79
C LEU H 210 -9.82 57.88 -3.22
N GLN H 211 -10.72 57.00 -3.68
CA GLN H 211 -10.65 56.44 -5.06
C GLN H 211 -10.72 57.59 -6.08
N THR H 212 -11.53 58.61 -5.80
CA THR H 212 -11.71 59.72 -6.77
C THR H 212 -10.36 60.41 -6.99
N ASP H 213 -10.07 60.80 -8.23
CA ASP H 213 -8.73 61.39 -8.54
C ASP H 213 -8.90 62.75 -9.22
N SER H 214 -7.97 63.67 -8.99
CA SER H 214 -8.11 65.04 -9.55
C SER H 214 -7.24 65.16 -10.81
N ARG H 215 -7.72 65.90 -11.82
CA ARG H 215 -6.97 66.03 -13.08
C ARG H 215 -6.48 67.46 -13.24
N LEU H 216 -5.16 67.65 -13.38
CA LEU H 216 -4.62 69.00 -13.66
C LEU H 216 -4.34 69.04 -15.16
N SER H 217 -5.22 69.67 -15.95
CA SER H 217 -5.06 69.60 -17.43
C SER H 217 -4.88 70.98 -18.04
N SER H 218 -4.40 71.04 -19.28
CA SER H 218 -4.21 72.33 -20.00
C SER H 218 -4.24 72.07 -21.51
#